data_9ISA
#
_entry.id   9ISA
#
_cell.length_a   149.917
_cell.length_b   149.917
_cell.length_c   188.131
_cell.angle_alpha   90.00
_cell.angle_beta   90.00
_cell.angle_gamma   90.00
#
_symmetry.space_group_name_H-M   'P 41 21 2'
#
loop_
_entity.id
_entity.type
_entity.pdbx_description
1 polymer Amylosucrase
2 water water
#
_entity_poly.entity_id   1
_entity_poly.type   'polypeptide(L)'
_entity_poly.pdbx_seq_one_letter_code
;LTSELAAQVRDAFDDDRDAETFLLRLERYGEDLWESLRAVYGDQVRALPGRLLEVMLHAYHARPAELRRLDEARLLRPDW
LQRPEMVGYVAYTDRFAGTLKGVEERLDYLEGLGVKYLHLMPLLRPREGENDGGYAVQDYRAVRPDLGTMDDLSALARAL
RGRGISLVLDLVLNHVAREHAWAQKARAGDPKYRAYFHLFPDRRGPDAFEATLPEIFPDFAPGNFSWDEEIGEGEGGWVW
TTFNSYQWDLNWANPDVFLEFVDIILYLANRGVEVFRLDAIAFIWKRLGTDCQNQPEVHHLTRALRAAARIVAPAVAFKA
EAIVAPADLIHYLGTRAHHGKVSDMAYHNSLMVQLWSSLASRNTRLFEEALRAFPPKPTSTTWGLYVRCHDDIGWAISDE
DAARAGLNGAAHRHFLSDFYSGQFPGSFARGLVFQYNPVNGDRRISGSAASLAGLEAALETGDPGRIEDAVRRLLLLHTV
ILGFGGVPLLYMGDELALLNDYAFEDVPEHAPDNRWVHRPQMDWALAERVRQEPSSPAGRVNTGLRHLLRVRRDTPQLHA
SIESQVLPSPDSRALLLRRDHPLGGMVQVYNFSEETVMLPSHVLRDVLGDHVQDRLSGSAFRLDRPTVRLEGYRALWLTA
GEAPA
;
_entity_poly.pdbx_strand_id   A,B
#
# COMPACT_ATOMS: atom_id res chain seq x y z
N THR A 2 -20.95 -13.02 -14.31
CA THR A 2 -21.31 -11.80 -13.53
C THR A 2 -22.82 -11.54 -13.62
N SER A 3 -23.47 -11.92 -14.72
CA SER A 3 -24.90 -11.60 -14.94
C SER A 3 -25.81 -12.31 -13.93
N GLU A 4 -25.70 -13.64 -13.83
CA GLU A 4 -26.57 -14.42 -12.91
C GLU A 4 -26.53 -13.79 -11.51
N LEU A 5 -25.33 -13.58 -10.97
CA LEU A 5 -25.19 -13.00 -9.62
C LEU A 5 -25.96 -11.69 -9.53
N ALA A 6 -25.70 -10.72 -10.42
CA ALA A 6 -26.34 -9.39 -10.37
C ALA A 6 -27.83 -9.46 -10.01
N ALA A 7 -28.65 -10.17 -10.80
CA ALA A 7 -30.11 -10.21 -10.56
C ALA A 7 -30.43 -10.81 -9.19
N GLN A 8 -29.94 -12.03 -8.92
CA GLN A 8 -30.13 -12.72 -7.66
C GLN A 8 -29.91 -11.73 -6.51
N VAL A 9 -28.68 -11.21 -6.48
CA VAL A 9 -28.23 -10.26 -5.48
C VAL A 9 -29.20 -9.11 -5.35
N ARG A 10 -29.62 -8.54 -6.47
CA ARG A 10 -30.40 -7.30 -6.40
C ARG A 10 -31.77 -7.54 -5.74
N ASP A 11 -32.27 -8.78 -5.91
CA ASP A 11 -33.60 -9.08 -5.39
C ASP A 11 -33.52 -9.61 -3.96
N ALA A 12 -32.35 -10.18 -3.64
CA ALA A 12 -32.12 -10.81 -2.35
C ALA A 12 -32.14 -9.77 -1.22
N PHE A 13 -32.31 -8.46 -1.53
CA PHE A 13 -32.23 -7.43 -0.52
C PHE A 13 -33.38 -6.45 -0.62
N ASP A 14 -34.03 -6.19 0.51
CA ASP A 14 -35.07 -5.17 0.57
C ASP A 14 -34.45 -3.79 0.43
N ASP A 15 -33.30 -3.56 1.07
CA ASP A 15 -32.61 -2.28 1.02
C ASP A 15 -31.64 -2.22 -0.18
N ASP A 16 -31.72 -1.11 -0.92
CA ASP A 16 -30.95 -0.91 -2.14
C ASP A 16 -29.46 -0.76 -1.83
N ARG A 17 -29.14 -0.05 -0.74
CA ARG A 17 -27.77 0.24 -0.35
C ARG A 17 -27.00 -1.04 -0.05
N ASP A 18 -27.68 -2.01 0.56
CA ASP A 18 -27.09 -3.31 0.80
C ASP A 18 -26.74 -4.00 -0.51
N ALA A 19 -27.67 -3.95 -1.45
CA ALA A 19 -27.49 -4.60 -2.73
C ALA A 19 -26.26 -4.02 -3.40
N GLU A 20 -26.15 -2.69 -3.34
CA GLU A 20 -25.08 -1.98 -4.02
C GLU A 20 -23.75 -2.36 -3.39
N THR A 21 -23.74 -2.44 -2.06
CA THR A 21 -22.49 -2.68 -1.35
C THR A 21 -22.01 -4.07 -1.70
N PHE A 22 -22.97 -5.01 -1.60
CA PHE A 22 -22.66 -6.39 -1.95
C PHE A 22 -22.12 -6.46 -3.38
N LEU A 23 -22.78 -5.80 -4.33
CA LEU A 23 -22.35 -5.87 -5.72
C LEU A 23 -20.97 -5.27 -5.90
N LEU A 24 -20.73 -4.09 -5.34
CA LEU A 24 -19.41 -3.47 -5.46
C LEU A 24 -18.32 -4.40 -4.91
N ARG A 25 -18.60 -5.05 -3.78
CA ARG A 25 -17.61 -5.91 -3.17
C ARG A 25 -17.37 -7.16 -4.01
N LEU A 26 -18.44 -7.67 -4.62
CA LEU A 26 -18.35 -8.85 -5.48
C LEU A 26 -17.56 -8.54 -6.74
N GLU A 27 -17.79 -7.38 -7.38
CA GLU A 27 -16.92 -6.93 -8.45
C GLU A 27 -15.46 -6.82 -7.98
N ARG A 28 -15.23 -6.25 -6.80
CA ARG A 28 -13.85 -6.02 -6.36
C ARG A 28 -13.13 -7.35 -6.11
N TYR A 29 -13.81 -8.33 -5.51
CA TYR A 29 -13.04 -9.49 -5.07
C TYR A 29 -13.38 -10.76 -5.88
N GLY A 30 -14.25 -10.59 -6.89
CA GLY A 30 -14.75 -11.67 -7.73
C GLY A 30 -13.63 -12.46 -8.39
N GLU A 31 -12.68 -11.79 -9.02
CA GLU A 31 -11.57 -12.48 -9.65
C GLU A 31 -11.01 -13.47 -8.64
N ASP A 32 -10.35 -12.94 -7.63
CA ASP A 32 -9.80 -13.74 -6.54
C ASP A 32 -10.60 -15.02 -6.26
N LEU A 33 -11.94 -14.91 -6.17
CA LEU A 33 -12.79 -15.99 -5.74
C LEU A 33 -12.97 -17.04 -6.83
N TRP A 34 -13.47 -16.62 -8.00
CA TRP A 34 -13.89 -17.56 -9.01
C TRP A 34 -12.69 -18.24 -9.66
N GLU A 35 -11.66 -17.45 -9.98
CA GLU A 35 -10.42 -18.01 -10.51
C GLU A 35 -9.91 -19.14 -9.62
N SER A 36 -10.03 -18.96 -8.29
CA SER A 36 -9.43 -19.89 -7.35
C SER A 36 -10.24 -21.18 -7.24
N LEU A 37 -11.58 -21.05 -7.27
CA LEU A 37 -12.40 -22.24 -7.15
C LEU A 37 -12.23 -23.11 -8.39
N ARG A 38 -12.06 -22.47 -9.56
CA ARG A 38 -11.85 -23.18 -10.81
C ARG A 38 -10.54 -23.96 -10.75
N ALA A 39 -9.50 -23.35 -10.21
CA ALA A 39 -8.20 -24.02 -10.16
C ALA A 39 -8.25 -25.23 -9.23
N VAL A 40 -9.25 -25.29 -8.34
CA VAL A 40 -9.29 -26.37 -7.39
C VAL A 40 -10.29 -27.43 -7.82
N TYR A 41 -11.48 -27.00 -8.25
CA TYR A 41 -12.60 -27.88 -8.51
C TYR A 41 -12.85 -28.08 -10.00
N GLY A 42 -12.04 -27.44 -10.85
CA GLY A 42 -12.25 -27.48 -12.30
C GLY A 42 -13.46 -26.65 -12.72
N ASP A 43 -13.62 -26.46 -14.03
CA ASP A 43 -14.80 -25.80 -14.56
C ASP A 43 -15.95 -26.80 -14.66
N GLN A 44 -15.70 -27.99 -14.09
CA GLN A 44 -16.64 -29.07 -13.93
C GLN A 44 -17.86 -28.61 -13.14
N VAL A 45 -17.66 -28.02 -11.95
CA VAL A 45 -18.75 -27.85 -11.00
C VAL A 45 -19.27 -26.41 -10.99
N ARG A 46 -20.36 -26.21 -11.72
CA ARG A 46 -20.80 -24.91 -12.22
C ARG A 46 -22.10 -24.48 -11.52
N ALA A 47 -22.60 -25.31 -10.59
CA ALA A 47 -23.73 -24.88 -9.80
C ALA A 47 -23.24 -23.96 -8.68
N LEU A 48 -21.93 -24.04 -8.43
CA LEU A 48 -21.24 -23.66 -7.22
C LEU A 48 -21.28 -22.16 -6.93
N PRO A 49 -20.98 -21.26 -7.91
CA PRO A 49 -21.09 -19.82 -7.66
C PRO A 49 -22.38 -19.47 -6.96
N GLY A 50 -23.49 -20.04 -7.45
CA GLY A 50 -24.80 -19.72 -6.94
C GLY A 50 -24.99 -20.32 -5.54
N ARG A 51 -24.38 -21.46 -5.24
CA ARG A 51 -24.55 -22.04 -3.93
C ARG A 51 -23.73 -21.25 -2.91
N LEU A 52 -22.51 -20.85 -3.33
CA LEU A 52 -21.66 -20.02 -2.51
C LEU A 52 -22.32 -18.68 -2.21
N LEU A 53 -22.96 -18.10 -3.21
CA LEU A 53 -23.57 -16.81 -3.08
C LEU A 53 -24.75 -16.88 -2.11
N GLU A 54 -25.41 -18.03 -2.02
CA GLU A 54 -26.58 -18.18 -1.15
C GLU A 54 -26.12 -18.10 0.30
N VAL A 55 -25.02 -18.82 0.60
CA VAL A 55 -24.29 -18.75 1.85
C VAL A 55 -23.85 -17.31 2.16
N MET A 56 -23.24 -16.61 1.21
CA MET A 56 -22.72 -15.27 1.47
C MET A 56 -23.85 -14.26 1.70
N LEU A 57 -24.92 -14.32 0.88
CA LEU A 57 -26.06 -13.43 1.06
C LEU A 57 -26.70 -13.68 2.42
N HIS A 58 -26.91 -14.94 2.82
CA HIS A 58 -27.59 -15.21 4.08
C HIS A 58 -26.77 -14.62 5.23
N ALA A 59 -25.45 -14.85 5.19
CA ALA A 59 -24.55 -14.41 6.24
C ALA A 59 -24.55 -12.88 6.34
N TYR A 60 -24.58 -12.22 5.18
CA TYR A 60 -24.55 -10.77 5.15
C TYR A 60 -25.79 -10.16 5.79
N HIS A 61 -26.97 -10.74 5.51
CA HIS A 61 -28.24 -10.34 6.10
C HIS A 61 -28.20 -10.43 7.61
N ALA A 62 -27.55 -11.47 8.15
CA ALA A 62 -27.53 -11.72 9.58
C ALA A 62 -26.43 -10.91 10.27
N ARG A 63 -25.64 -10.15 9.49
CA ARG A 63 -24.50 -9.45 10.06
C ARG A 63 -24.97 -8.19 10.79
N PRO A 64 -24.82 -8.15 12.13
CA PRO A 64 -25.32 -7.03 12.94
C PRO A 64 -24.72 -5.67 12.60
N ALA A 65 -25.46 -4.60 12.90
CA ALA A 65 -25.14 -3.24 12.46
C ALA A 65 -23.78 -2.78 12.97
N GLU A 66 -23.45 -3.18 14.20
CA GLU A 66 -22.20 -2.80 14.86
C GLU A 66 -21.02 -3.39 14.08
N LEU A 67 -21.17 -4.64 13.61
CA LEU A 67 -20.09 -5.29 12.90
C LEU A 67 -19.94 -4.79 11.47
N ARG A 68 -21.04 -4.33 10.85
CA ARG A 68 -20.96 -3.66 9.55
C ARG A 68 -20.21 -2.33 9.66
N ARG A 69 -20.28 -1.66 10.82
CA ARG A 69 -19.62 -0.37 10.97
C ARG A 69 -18.11 -0.61 11.09
N LEU A 70 -17.75 -1.57 11.93
CA LEU A 70 -16.36 -1.98 12.04
C LEU A 70 -15.87 -2.36 10.65
N ASP A 71 -16.73 -3.02 9.85
CA ASP A 71 -16.42 -3.32 8.45
C ASP A 71 -16.04 -2.04 7.71
N GLU A 72 -16.87 -0.99 7.72
CA GLU A 72 -16.45 0.20 6.99
C GLU A 72 -15.16 0.78 7.58
N ALA A 73 -14.98 0.69 8.90
CA ALA A 73 -13.82 1.29 9.51
C ALA A 73 -12.53 0.61 9.06
N ARG A 74 -12.62 -0.71 8.87
CA ARG A 74 -11.52 -1.51 8.39
C ARG A 74 -11.20 -1.08 6.96
N LEU A 75 -12.22 -0.82 6.13
CA LEU A 75 -11.90 -0.40 4.78
C LEU A 75 -11.17 0.95 4.77
N LEU A 76 -11.48 1.83 5.75
CA LEU A 76 -10.83 3.14 5.85
C LEU A 76 -9.39 2.97 6.32
N ARG A 77 -9.11 1.88 7.02
CA ARG A 77 -7.77 1.59 7.50
C ARG A 77 -7.41 0.13 7.26
N PRO A 78 -7.11 -0.21 6.00
CA PRO A 78 -6.77 -1.60 5.66
C PRO A 78 -5.61 -2.17 6.49
N ASP A 79 -4.76 -1.27 7.02
CA ASP A 79 -3.53 -1.73 7.65
C ASP A 79 -3.69 -1.80 9.17
N TRP A 80 -4.92 -1.96 9.65
CA TRP A 80 -5.15 -1.95 11.07
C TRP A 80 -4.20 -2.88 11.83
N LEU A 81 -3.95 -4.09 11.31
CA LEU A 81 -3.07 -5.02 12.01
C LEU A 81 -1.62 -4.55 12.06
N GLN A 82 -1.25 -3.55 11.23
CA GLN A 82 0.14 -3.17 11.06
C GLN A 82 0.52 -1.96 11.91
N ARG A 83 -0.45 -1.28 12.51
CA ARG A 83 -0.19 -0.06 13.26
C ARG A 83 0.58 -0.38 14.55
N PRO A 84 1.48 0.49 14.97
CA PRO A 84 2.28 0.25 16.17
C PRO A 84 1.47 0.11 17.44
N GLU A 85 0.22 0.46 17.39
CA GLU A 85 -0.72 0.40 18.47
C GLU A 85 -1.15 -1.00 18.84
N MET A 86 -1.00 -1.92 17.92
CA MET A 86 -1.39 -3.30 18.03
C MET A 86 -0.51 -4.16 18.86
N VAL A 87 -1.09 -4.72 19.89
CA VAL A 87 -0.39 -5.57 20.83
C VAL A 87 -1.29 -6.76 21.13
N GLY A 88 -0.72 -7.95 21.10
CA GLY A 88 -1.52 -9.15 21.25
C GLY A 88 -1.25 -9.77 22.61
N TYR A 89 -2.25 -10.52 23.08
CA TYR A 89 -2.14 -11.24 24.32
C TYR A 89 -2.74 -12.61 24.06
N VAL A 90 -2.04 -13.66 24.50
CA VAL A 90 -2.49 -15.01 24.22
C VAL A 90 -2.80 -15.72 25.53
N ALA A 91 -4.01 -16.28 25.67
CA ALA A 91 -4.36 -16.94 26.93
C ALA A 91 -5.39 -18.02 26.72
N TYR A 92 -5.38 -18.98 27.67
CA TYR A 92 -6.47 -19.93 27.82
C TYR A 92 -7.58 -19.27 28.63
N THR A 93 -8.82 -19.32 28.13
CA THR A 93 -9.96 -18.76 28.82
C THR A 93 -9.99 -19.18 30.30
N ASP A 94 -9.98 -20.49 30.54
CA ASP A 94 -10.13 -21.05 31.88
C ASP A 94 -8.97 -20.64 32.78
N ARG A 95 -7.76 -20.55 32.23
CA ARG A 95 -6.59 -20.37 33.05
C ARG A 95 -6.33 -18.90 33.32
N PHE A 96 -7.02 -18.03 32.57
CA PHE A 96 -6.93 -16.60 32.78
C PHE A 96 -8.04 -16.14 33.72
N ALA A 97 -9.28 -16.54 33.44
CA ALA A 97 -10.38 -15.98 34.21
C ALA A 97 -11.54 -16.94 34.36
N GLY A 98 -11.29 -18.26 34.25
CA GLY A 98 -12.31 -19.28 34.51
C GLY A 98 -13.27 -19.48 33.33
N THR A 99 -14.04 -18.45 32.99
CA THR A 99 -15.06 -18.57 31.97
C THR A 99 -15.02 -17.34 31.05
N LEU A 100 -15.85 -17.38 29.99
CA LEU A 100 -15.93 -16.26 29.08
C LEU A 100 -16.51 -15.04 29.78
N LYS A 101 -17.53 -15.26 30.63
CA LYS A 101 -18.08 -14.19 31.47
C LYS A 101 -16.95 -13.63 32.34
N GLY A 102 -16.14 -14.51 32.93
CA GLY A 102 -14.99 -14.09 33.72
C GLY A 102 -14.01 -13.18 32.96
N VAL A 103 -13.78 -13.45 31.67
CA VAL A 103 -12.84 -12.64 30.91
C VAL A 103 -13.34 -11.20 30.85
N GLU A 104 -14.67 -10.98 30.80
CA GLU A 104 -15.19 -9.62 30.67
C GLU A 104 -14.80 -8.83 31.91
N GLU A 105 -14.72 -9.50 33.06
CA GLU A 105 -14.44 -8.84 34.31
C GLU A 105 -12.99 -8.35 34.36
N ARG A 106 -12.13 -8.79 33.43
CA ARG A 106 -10.72 -8.46 33.51
C ARG A 106 -10.27 -7.55 32.36
N LEU A 107 -11.22 -6.91 31.68
CA LEU A 107 -10.86 -6.11 30.52
C LEU A 107 -10.02 -4.88 30.88
N ASP A 108 -10.23 -4.34 32.08
CA ASP A 108 -9.48 -3.20 32.56
C ASP A 108 -8.01 -3.60 32.62
N TYR A 109 -7.73 -4.85 33.03
CA TYR A 109 -6.37 -5.36 33.01
C TYR A 109 -5.78 -5.26 31.60
N LEU A 110 -6.46 -5.87 30.63
CA LEU A 110 -5.99 -5.92 29.25
C LEU A 110 -5.92 -4.53 28.63
N GLU A 111 -6.98 -3.72 28.76
CA GLU A 111 -6.93 -2.45 28.10
C GLU A 111 -5.79 -1.62 28.70
N GLY A 112 -5.63 -1.78 30.01
CA GLY A 112 -4.55 -1.11 30.72
C GLY A 112 -3.16 -1.50 30.26
N LEU A 113 -2.96 -2.75 29.87
CA LEU A 113 -1.69 -3.21 29.37
C LEU A 113 -1.41 -2.63 27.98
N GLY A 114 -2.48 -2.29 27.23
CA GLY A 114 -2.33 -1.75 25.89
C GLY A 114 -2.74 -2.74 24.81
N VAL A 115 -3.38 -3.84 25.23
CA VAL A 115 -3.71 -4.97 24.36
C VAL A 115 -4.85 -4.62 23.41
N LYS A 116 -4.71 -4.92 22.10
CA LYS A 116 -5.75 -4.62 21.13
C LYS A 116 -6.10 -5.85 20.29
N TYR A 117 -5.65 -7.04 20.74
CA TYR A 117 -5.75 -8.32 20.03
C TYR A 117 -5.64 -9.45 21.04
N LEU A 118 -6.76 -10.10 21.33
CA LEU A 118 -6.82 -11.12 22.36
C LEU A 118 -7.04 -12.49 21.70
N HIS A 119 -6.07 -13.37 21.80
CA HIS A 119 -6.18 -14.69 21.21
C HIS A 119 -6.45 -15.70 22.31
N LEU A 120 -7.70 -16.22 22.39
CA LEU A 120 -8.02 -17.23 23.38
C LEU A 120 -7.78 -18.61 22.78
N MET A 121 -7.17 -19.50 23.58
CA MET A 121 -6.83 -20.84 23.14
C MET A 121 -8.11 -21.61 22.79
N PRO A 122 -8.04 -22.73 22.02
CA PRO A 122 -9.23 -23.41 21.50
C PRO A 122 -10.43 -23.53 22.43
N LEU A 123 -11.59 -23.08 21.95
CA LEU A 123 -12.77 -23.00 22.79
C LEU A 123 -14.01 -23.49 22.02
N LEU A 124 -13.91 -23.70 20.71
CA LEU A 124 -15.02 -24.34 20.01
C LEU A 124 -15.23 -25.75 20.59
N ARG A 125 -16.49 -26.20 20.64
CA ARG A 125 -16.82 -27.37 21.46
C ARG A 125 -16.03 -28.60 21.03
N PRO A 126 -15.10 -29.13 21.84
CA PRO A 126 -14.41 -30.37 21.51
C PRO A 126 -15.18 -31.62 21.90
N ARG A 127 -14.76 -32.78 21.39
CA ARG A 127 -15.35 -34.05 21.80
C ARG A 127 -15.06 -34.25 23.29
N GLU A 128 -15.83 -35.12 23.94
CA GLU A 128 -15.55 -35.48 25.32
C GLU A 128 -14.45 -36.53 25.37
N GLY A 129 -13.68 -36.50 26.46
CA GLY A 129 -12.48 -37.32 26.57
C GLY A 129 -11.26 -36.61 25.99
N GLU A 130 -10.23 -37.40 25.67
CA GLU A 130 -9.04 -36.96 24.96
C GLU A 130 -9.47 -36.07 23.80
N ASN A 131 -8.83 -34.90 23.63
CA ASN A 131 -9.23 -34.01 22.55
C ASN A 131 -8.08 -33.23 21.92
N ASP A 132 -6.84 -33.73 22.05
CA ASP A 132 -5.68 -33.08 21.44
C ASP A 132 -5.69 -31.59 21.78
N GLY A 133 -5.99 -31.27 23.05
CA GLY A 133 -6.10 -29.92 23.57
C GLY A 133 -6.96 -29.01 22.69
N GLY A 134 -8.18 -29.48 22.36
CA GLY A 134 -9.18 -28.67 21.67
C GLY A 134 -9.12 -28.72 20.14
N TYR A 135 -8.18 -29.48 19.56
CA TYR A 135 -8.06 -29.58 18.10
C TYR A 135 -8.95 -30.69 17.53
N ALA A 136 -9.74 -31.36 18.39
CA ALA A 136 -10.73 -32.33 17.93
C ALA A 136 -12.13 -31.75 18.16
N VAL A 137 -12.66 -31.08 17.13
CA VAL A 137 -13.83 -30.23 17.29
C VAL A 137 -15.07 -31.06 17.00
N GLN A 138 -16.08 -30.95 17.89
CA GLN A 138 -17.31 -31.71 17.82
C GLN A 138 -18.41 -30.88 17.13
N ASP A 139 -18.37 -29.56 17.33
CA ASP A 139 -19.35 -28.66 16.73
C ASP A 139 -18.71 -27.28 16.65
N TYR A 140 -18.64 -26.68 15.45
CA TYR A 140 -17.97 -25.40 15.29
C TYR A 140 -18.87 -24.25 15.70
N ARG A 141 -20.15 -24.56 15.96
CA ARG A 141 -21.11 -23.51 16.26
C ARG A 141 -21.47 -23.54 17.73
N ALA A 142 -20.60 -24.15 18.54
CA ALA A 142 -20.79 -24.24 19.98
C ALA A 142 -19.45 -24.07 20.67
N VAL A 143 -19.56 -23.74 21.96
CA VAL A 143 -18.43 -23.47 22.82
C VAL A 143 -18.38 -24.58 23.85
N ARG A 144 -17.16 -24.90 24.32
CA ARG A 144 -16.91 -25.88 25.38
C ARG A 144 -17.75 -25.48 26.60
N PRO A 145 -18.60 -26.38 27.15
CA PRO A 145 -19.70 -25.95 28.03
C PRO A 145 -19.28 -25.22 29.31
N ASP A 146 -18.14 -25.63 29.87
CA ASP A 146 -17.56 -25.05 31.08
C ASP A 146 -17.19 -23.57 30.92
N LEU A 147 -16.83 -23.14 29.69
CA LEU A 147 -16.40 -21.77 29.38
C LEU A 147 -17.58 -20.82 29.17
N GLY A 148 -18.78 -21.37 28.95
CA GLY A 148 -19.98 -20.61 28.61
C GLY A 148 -20.62 -21.10 27.31
N THR A 149 -21.41 -20.24 26.68
CA THR A 149 -22.11 -20.52 25.43
C THR A 149 -21.66 -19.53 24.36
N MET A 150 -22.10 -19.75 23.11
CA MET A 150 -21.91 -18.79 22.04
C MET A 150 -22.42 -17.40 22.42
N ASP A 151 -23.50 -17.34 23.21
CA ASP A 151 -24.09 -16.05 23.56
C ASP A 151 -23.12 -15.29 24.46
N ASP A 152 -22.39 -16.04 25.30
CA ASP A 152 -21.31 -15.53 26.14
C ASP A 152 -20.16 -15.02 25.27
N LEU A 153 -19.71 -15.85 24.30
CA LEU A 153 -18.70 -15.44 23.33
C LEU A 153 -19.10 -14.13 22.62
N SER A 154 -20.33 -14.09 22.11
CA SER A 154 -20.84 -12.92 21.46
C SER A 154 -20.80 -11.67 22.35
N ALA A 155 -21.17 -11.80 23.63
CA ALA A 155 -21.16 -10.68 24.57
C ALA A 155 -19.73 -10.24 24.87
N LEU A 156 -18.83 -11.20 25.09
CA LEU A 156 -17.44 -10.88 25.34
C LEU A 156 -16.86 -10.09 24.16
N ALA A 157 -17.27 -10.47 22.94
CA ALA A 157 -16.88 -9.71 21.76
C ALA A 157 -17.43 -8.28 21.79
N ARG A 158 -18.68 -8.11 22.23
CA ARG A 158 -19.27 -6.74 22.34
C ARG A 158 -18.45 -5.91 23.33
N ALA A 159 -17.91 -6.53 24.39
CA ALA A 159 -17.18 -5.80 25.41
C ALA A 159 -15.79 -5.43 24.90
N LEU A 160 -15.15 -6.40 24.23
CA LEU A 160 -13.81 -6.22 23.69
C LEU A 160 -13.83 -5.13 22.62
N ARG A 161 -14.86 -5.16 21.75
CA ARG A 161 -14.97 -4.13 20.72
C ARG A 161 -14.98 -2.75 21.37
N GLY A 162 -15.60 -2.62 22.54
CA GLY A 162 -15.78 -1.33 23.18
C GLY A 162 -14.47 -0.74 23.69
N ARG A 163 -13.50 -1.60 23.98
CA ARG A 163 -12.19 -1.16 24.40
C ARG A 163 -11.21 -1.24 23.23
N GLY A 164 -11.74 -1.42 22.01
CA GLY A 164 -10.96 -1.55 20.77
C GLY A 164 -10.04 -2.77 20.73
N ILE A 165 -10.49 -3.91 21.29
CA ILE A 165 -9.78 -5.18 21.20
C ILE A 165 -10.49 -6.15 20.23
N SER A 166 -9.68 -6.85 19.41
CA SER A 166 -10.14 -7.85 18.46
C SER A 166 -10.06 -9.23 19.08
N LEU A 167 -11.10 -10.06 18.92
CA LEU A 167 -11.07 -11.43 19.40
C LEU A 167 -10.53 -12.37 18.33
N VAL A 168 -9.66 -13.29 18.73
CA VAL A 168 -8.95 -14.17 17.82
C VAL A 168 -9.20 -15.62 18.23
N LEU A 169 -9.65 -16.47 17.30
CA LEU A 169 -10.00 -17.86 17.60
C LEU A 169 -9.25 -18.82 16.70
N ASP A 170 -9.21 -20.07 17.16
CA ASP A 170 -8.56 -21.17 16.39
C ASP A 170 -9.65 -21.94 15.63
N LEU A 171 -9.53 -22.06 14.31
CA LEU A 171 -10.46 -22.80 13.47
C LEU A 171 -9.65 -23.91 12.79
N VAL A 172 -9.90 -25.15 13.18
CA VAL A 172 -9.23 -26.28 12.58
C VAL A 172 -9.89 -26.59 11.23
N LEU A 173 -9.13 -26.42 10.15
CA LEU A 173 -9.68 -26.63 8.81
C LEU A 173 -9.55 -28.09 8.40
N ASN A 174 -8.59 -28.81 8.98
CA ASN A 174 -8.16 -30.05 8.37
C ASN A 174 -9.01 -31.23 8.80
N HIS A 175 -9.54 -31.26 10.04
CA HIS A 175 -10.23 -32.46 10.50
C HIS A 175 -11.25 -32.16 11.58
N VAL A 176 -12.27 -33.02 11.69
CA VAL A 176 -13.20 -32.93 12.79
C VAL A 176 -13.05 -34.15 13.71
N ALA A 177 -13.63 -34.00 14.91
CA ALA A 177 -13.75 -35.12 15.84
C ALA A 177 -14.62 -36.19 15.19
N ARG A 178 -14.33 -37.46 15.51
CA ARG A 178 -15.15 -38.57 15.03
C ARG A 178 -16.58 -38.44 15.55
N GLU A 179 -16.82 -37.58 16.55
CA GLU A 179 -18.16 -37.38 17.09
C GLU A 179 -18.85 -36.18 16.44
N HIS A 180 -18.18 -35.50 15.51
CA HIS A 180 -18.82 -34.41 14.79
C HIS A 180 -20.06 -34.95 14.06
N ALA A 181 -21.14 -34.14 14.02
CA ALA A 181 -22.33 -34.54 13.27
C ALA A 181 -21.99 -35.15 11.90
N TRP A 182 -21.05 -34.54 11.15
CA TRP A 182 -20.76 -35.01 9.80
C TRP A 182 -20.21 -36.43 9.86
N ALA A 183 -19.35 -36.70 10.83
CA ALA A 183 -18.71 -38.00 10.96
C ALA A 183 -19.73 -39.07 11.36
N GLN A 184 -20.79 -38.67 12.09
CA GLN A 184 -21.82 -39.64 12.41
C GLN A 184 -22.82 -39.80 11.25
N LYS A 185 -23.11 -38.73 10.51
CA LYS A 185 -23.98 -38.91 9.36
C LYS A 185 -23.31 -39.86 8.36
N ALA A 186 -21.97 -39.84 8.32
CA ALA A 186 -21.24 -40.69 7.41
C ALA A 186 -21.20 -42.16 7.91
N ARG A 187 -21.31 -42.36 9.23
CA ARG A 187 -21.25 -43.71 9.79
C ARG A 187 -22.61 -44.39 9.65
N ALA A 188 -23.68 -43.59 9.70
CA ALA A 188 -25.02 -44.05 9.41
C ALA A 188 -25.22 -44.16 7.89
N GLY A 189 -24.13 -43.97 7.13
CA GLY A 189 -24.05 -44.18 5.69
C GLY A 189 -24.84 -43.22 4.80
N ASP A 190 -25.01 -41.93 5.16
CA ASP A 190 -25.48 -40.96 4.17
C ASP A 190 -24.36 -40.65 3.17
N PRO A 191 -24.48 -41.01 1.86
CA PRO A 191 -23.40 -40.83 0.90
C PRO A 191 -22.77 -39.43 0.83
N LYS A 192 -23.57 -38.37 0.96
CA LYS A 192 -23.15 -36.96 1.03
C LYS A 192 -22.04 -36.75 2.09
N TYR A 193 -22.24 -37.30 3.30
CA TYR A 193 -21.30 -37.09 4.37
C TYR A 193 -20.12 -38.05 4.28
N ARG A 194 -20.35 -39.23 3.72
CA ARG A 194 -19.25 -40.14 3.44
C ARG A 194 -18.23 -39.39 2.59
N ALA A 195 -18.71 -38.46 1.76
CA ALA A 195 -17.84 -37.76 0.83
C ALA A 195 -17.12 -36.58 1.51
N TYR A 196 -17.41 -36.32 2.79
CA TYR A 196 -16.66 -35.33 3.56
C TYR A 196 -15.33 -35.89 4.04
N PHE A 197 -15.10 -37.20 3.89
CA PHE A 197 -13.86 -37.75 4.42
C PHE A 197 -13.11 -38.53 3.34
N HIS A 198 -11.86 -38.92 3.64
CA HIS A 198 -11.12 -39.83 2.78
C HIS A 198 -11.36 -41.27 3.24
N LEU A 199 -12.18 -42.01 2.47
CA LEU A 199 -12.66 -43.34 2.87
C LEU A 199 -12.12 -44.44 1.95
N PHE A 200 -11.75 -45.58 2.51
CA PHE A 200 -11.17 -46.64 1.72
C PHE A 200 -11.75 -47.99 2.13
N PRO A 201 -12.05 -48.89 1.16
CA PRO A 201 -12.69 -50.18 1.47
C PRO A 201 -11.69 -51.22 1.98
N ASP A 202 -10.53 -51.32 1.31
CA ASP A 202 -9.48 -52.25 1.73
C ASP A 202 -8.18 -51.46 1.95
N ARG A 203 -7.08 -52.19 2.16
CA ARG A 203 -5.80 -51.66 2.60
C ARG A 203 -4.96 -51.16 1.41
N ARG A 204 -5.51 -51.27 0.19
CA ARG A 204 -4.83 -50.78 -0.99
C ARG A 204 -5.43 -49.40 -1.21
N GLY A 205 -4.57 -48.42 -1.47
CA GLY A 205 -4.99 -47.04 -1.25
C GLY A 205 -4.23 -46.48 -0.06
N PRO A 206 -4.66 -46.75 1.21
CA PRO A 206 -3.79 -46.47 2.36
C PRO A 206 -2.32 -46.82 2.12
N ASP A 207 -2.02 -47.94 1.43
CA ASP A 207 -0.63 -48.34 1.26
C ASP A 207 0.08 -47.41 0.27
N ALA A 208 -0.66 -47.02 -0.78
CA ALA A 208 -0.17 -46.15 -1.84
C ALA A 208 0.22 -44.77 -1.29
N PHE A 209 -0.60 -44.26 -0.35
CA PHE A 209 -0.28 -42.99 0.29
C PHE A 209 0.90 -43.17 1.25
N GLU A 210 0.83 -44.15 2.17
CA GLU A 210 1.81 -44.28 3.26
C GLU A 210 3.24 -44.40 2.73
N ALA A 211 3.38 -44.69 1.43
CA ALA A 211 4.69 -44.72 0.78
C ALA A 211 5.44 -43.40 1.00
N THR A 212 4.74 -42.27 0.85
CA THR A 212 5.41 -40.98 0.86
C THR A 212 5.04 -40.07 2.03
N LEU A 213 4.22 -40.55 2.99
CA LEU A 213 3.87 -39.77 4.18
C LEU A 213 4.96 -39.95 5.22
N PRO A 214 5.63 -38.87 5.67
CA PRO A 214 6.87 -38.98 6.46
C PRO A 214 6.69 -38.89 7.99
N GLY A 223 0.33 -43.85 12.88
CA GLY A 223 -0.55 -44.15 11.74
C GLY A 223 -1.11 -42.89 11.04
N ASN A 224 -1.52 -43.08 9.78
CA ASN A 224 -2.25 -42.09 8.99
C ASN A 224 -3.65 -42.59 8.61
N PHE A 225 -3.94 -43.84 8.95
CA PHE A 225 -5.26 -44.39 8.66
C PHE A 225 -5.74 -45.22 9.83
N SER A 226 -7.06 -45.28 9.98
CA SER A 226 -7.64 -45.96 11.12
C SER A 226 -8.83 -46.77 10.62
N TRP A 227 -9.04 -47.91 11.31
CA TRP A 227 -10.11 -48.86 11.07
C TRP A 227 -11.34 -48.45 11.89
N ASP A 228 -12.48 -48.38 11.21
CA ASP A 228 -13.73 -48.22 11.92
C ASP A 228 -14.77 -49.17 11.36
N GLU A 229 -15.77 -49.46 12.22
CA GLU A 229 -16.76 -50.49 11.96
C GLU A 229 -17.70 -50.07 10.82
N GLU A 230 -18.30 -48.86 10.87
CA GLU A 230 -19.29 -48.56 9.83
C GLU A 230 -18.83 -47.54 8.79
N ILE A 231 -17.53 -47.54 8.50
CA ILE A 231 -16.95 -46.58 7.51
C ILE A 231 -16.23 -47.37 6.41
N GLY A 236 -17.25 -52.15 7.32
CA GLY A 236 -15.90 -52.06 7.90
C GLY A 236 -14.91 -51.45 6.93
N GLY A 237 -14.24 -50.35 7.31
CA GLY A 237 -13.22 -49.84 6.41
C GLY A 237 -12.25 -48.84 7.05
N TRP A 238 -11.44 -48.20 6.20
CA TRP A 238 -10.40 -47.28 6.65
C TRP A 238 -10.83 -45.83 6.40
N VAL A 239 -10.48 -44.96 7.35
CA VAL A 239 -10.57 -43.51 7.20
C VAL A 239 -9.21 -42.87 7.42
N TRP A 240 -8.94 -41.82 6.62
CA TRP A 240 -7.73 -41.00 6.73
C TRP A 240 -7.72 -40.27 8.07
N THR A 241 -6.64 -40.44 8.85
CA THR A 241 -6.53 -39.83 10.17
C THR A 241 -5.07 -39.48 10.51
N THR A 242 -4.62 -38.31 10.02
CA THR A 242 -3.25 -37.85 10.18
C THR A 242 -2.87 -37.86 11.66
N PHE A 243 -3.68 -37.17 12.47
CA PHE A 243 -3.38 -37.06 13.93
C PHE A 243 -4.34 -37.96 14.70
N ASN A 244 -3.81 -38.75 15.65
CA ASN A 244 -4.64 -39.66 16.49
C ASN A 244 -5.52 -40.56 15.61
N SER A 245 -6.75 -40.82 16.05
CA SER A 245 -7.69 -41.67 15.28
C SER A 245 -9.08 -41.04 15.36
N TYR A 246 -9.36 -40.36 16.48
CA TYR A 246 -10.64 -39.72 16.67
C TYR A 246 -10.69 -38.44 15.84
N GLN A 247 -9.66 -38.19 15.01
CA GLN A 247 -9.60 -36.96 14.21
C GLN A 247 -9.56 -37.25 12.71
N TRP A 248 -10.73 -37.15 12.08
CA TRP A 248 -10.93 -37.56 10.70
C TRP A 248 -10.68 -36.42 9.69
N ASP A 249 -9.65 -36.58 8.82
CA ASP A 249 -9.36 -35.59 7.78
C ASP A 249 -10.58 -35.41 6.87
N LEU A 250 -10.97 -34.15 6.70
CA LEU A 250 -12.00 -33.73 5.78
C LEU A 250 -11.42 -33.77 4.37
N ASN A 251 -12.31 -33.92 3.38
CA ASN A 251 -11.91 -34.05 2.00
C ASN A 251 -12.19 -32.74 1.24
N TRP A 252 -11.14 -31.94 1.10
CA TRP A 252 -11.34 -30.60 0.60
C TRP A 252 -11.53 -30.60 -0.91
N ALA A 253 -11.36 -31.80 -1.52
CA ALA A 253 -11.62 -31.97 -2.94
C ALA A 253 -13.12 -32.03 -3.19
N ASN A 254 -13.90 -32.14 -2.11
CA ASN A 254 -15.33 -32.03 -2.20
C ASN A 254 -15.75 -30.59 -1.93
N PRO A 255 -16.32 -29.87 -2.91
CA PRO A 255 -16.81 -28.51 -2.68
C PRO A 255 -17.87 -28.34 -1.59
N ASP A 256 -18.48 -29.44 -1.15
CA ASP A 256 -19.49 -29.30 -0.10
C ASP A 256 -18.79 -28.87 1.20
N VAL A 257 -17.51 -29.28 1.36
CA VAL A 257 -16.70 -28.97 2.53
C VAL A 257 -16.30 -27.50 2.53
N PHE A 258 -15.86 -27.00 1.36
CA PHE A 258 -15.58 -25.59 1.17
C PHE A 258 -16.76 -24.77 1.66
N LEU A 259 -17.97 -25.15 1.23
CA LEU A 259 -19.13 -24.34 1.57
C LEU A 259 -19.44 -24.45 3.07
N GLU A 260 -19.08 -25.57 3.68
CA GLU A 260 -19.36 -25.73 5.10
C GLU A 260 -18.56 -24.67 5.86
N PHE A 261 -17.34 -24.39 5.38
CA PHE A 261 -16.38 -23.58 6.11
C PHE A 261 -16.56 -22.11 5.83
N VAL A 262 -17.01 -21.78 4.61
CA VAL A 262 -17.41 -20.42 4.38
C VAL A 262 -18.56 -20.08 5.32
N ASP A 263 -19.43 -21.06 5.55
CA ASP A 263 -20.61 -20.85 6.37
C ASP A 263 -20.21 -20.65 7.85
N ILE A 264 -19.27 -21.49 8.30
CA ILE A 264 -18.77 -21.45 9.65
C ILE A 264 -17.99 -20.15 9.90
N ILE A 265 -17.11 -19.79 8.97
CA ILE A 265 -16.31 -18.59 9.15
C ILE A 265 -17.23 -17.38 9.26
N LEU A 266 -18.22 -17.28 8.38
CA LEU A 266 -19.13 -16.14 8.40
C LEU A 266 -20.05 -16.18 9.61
N TYR A 267 -20.37 -17.39 10.07
CA TYR A 267 -21.20 -17.49 11.25
C TYR A 267 -20.49 -16.89 12.46
N LEU A 268 -19.23 -17.33 12.69
CA LEU A 268 -18.41 -16.88 13.80
C LEU A 268 -18.04 -15.41 13.67
N ALA A 269 -17.83 -14.96 12.43
CA ALA A 269 -17.58 -13.55 12.19
C ALA A 269 -18.75 -12.69 12.68
N ASN A 270 -19.97 -13.20 12.48
CA ASN A 270 -21.17 -12.51 12.88
C ASN A 270 -21.36 -12.61 14.39
N ARG A 271 -20.62 -13.50 15.06
CA ARG A 271 -20.65 -13.57 16.52
C ARG A 271 -19.52 -12.71 17.10
N GLY A 272 -18.71 -12.08 16.25
CA GLY A 272 -17.74 -11.06 16.67
C GLY A 272 -16.27 -11.48 16.61
N VAL A 273 -15.97 -12.68 16.10
CA VAL A 273 -14.60 -13.06 15.80
C VAL A 273 -14.05 -12.19 14.67
N GLU A 274 -12.83 -11.67 14.88
CA GLU A 274 -12.23 -10.69 14.01
C GLU A 274 -11.01 -11.27 13.28
N VAL A 275 -10.33 -12.22 13.92
CA VAL A 275 -9.18 -12.90 13.36
C VAL A 275 -9.31 -14.39 13.60
N PHE A 276 -9.11 -15.18 12.54
CA PHE A 276 -9.17 -16.64 12.57
C PHE A 276 -7.78 -17.21 12.41
N ARG A 277 -7.40 -18.03 13.37
CA ARG A 277 -6.17 -18.77 13.25
C ARG A 277 -6.54 -20.07 12.56
N LEU A 278 -6.04 -20.27 11.34
CA LEU A 278 -6.41 -21.43 10.54
C LEU A 278 -5.44 -22.55 10.87
N ASP A 279 -5.91 -23.57 11.60
CA ASP A 279 -5.08 -24.62 12.15
C ASP A 279 -5.04 -25.84 11.22
N ALA A 280 -3.85 -26.45 11.16
CA ALA A 280 -3.54 -27.61 10.33
C ALA A 280 -3.81 -27.31 8.85
N ILE A 281 -3.61 -26.06 8.47
CA ILE A 281 -3.95 -25.63 7.13
C ILE A 281 -3.02 -26.31 6.11
N ALA A 282 -1.80 -26.66 6.55
CA ALA A 282 -0.82 -27.24 5.64
C ALA A 282 -1.27 -28.60 5.08
N PHE A 283 -2.27 -29.23 5.72
CA PHE A 283 -2.57 -30.64 5.53
C PHE A 283 -3.83 -30.85 4.69
N ILE A 284 -4.51 -29.76 4.32
CA ILE A 284 -5.87 -29.91 3.85
C ILE A 284 -5.94 -30.48 2.43
N TRP A 285 -4.80 -30.66 1.73
CA TRP A 285 -4.92 -31.22 0.38
C TRP A 285 -4.07 -32.47 0.23
N LYS A 286 -4.73 -33.56 -0.17
CA LYS A 286 -4.04 -34.83 -0.40
C LYS A 286 -3.73 -35.01 -1.89
N ARG A 287 -2.50 -35.47 -2.17
CA ARG A 287 -2.09 -35.80 -3.53
C ARG A 287 -1.18 -37.02 -3.43
N LEU A 288 -1.64 -38.10 -4.07
CA LEU A 288 -0.86 -39.33 -4.22
C LEU A 288 0.55 -39.01 -4.68
N GLY A 289 1.56 -39.55 -3.99
CA GLY A 289 2.94 -39.35 -4.38
C GLY A 289 3.67 -38.26 -3.58
N THR A 290 2.93 -37.52 -2.73
CA THR A 290 3.50 -36.37 -2.02
C THR A 290 3.40 -36.56 -0.52
N ASP A 291 4.04 -35.65 0.22
CA ASP A 291 3.96 -35.66 1.68
C ASP A 291 2.60 -35.17 2.14
N CYS A 292 1.77 -34.69 1.20
CA CYS A 292 0.42 -34.22 1.52
C CYS A 292 0.41 -33.02 2.43
N GLN A 293 1.43 -32.16 2.25
CA GLN A 293 1.57 -30.90 2.94
C GLN A 293 2.05 -29.85 1.96
N ASN A 294 1.53 -28.62 2.12
CA ASN A 294 1.95 -27.45 1.38
C ASN A 294 1.65 -27.64 -0.09
N GLN A 295 0.52 -28.29 -0.38
CA GLN A 295 0.14 -28.46 -1.77
C GLN A 295 -0.37 -27.13 -2.33
N PRO A 296 -0.12 -26.76 -3.62
CA PRO A 296 -0.66 -25.52 -4.20
C PRO A 296 -2.15 -25.29 -3.94
N GLU A 297 -2.96 -26.36 -3.96
CA GLU A 297 -4.40 -26.20 -3.76
C GLU A 297 -4.70 -25.50 -2.43
N VAL A 298 -3.84 -25.75 -1.42
CA VAL A 298 -3.98 -25.13 -0.10
C VAL A 298 -4.14 -23.62 -0.27
N HIS A 299 -3.24 -23.02 -1.05
CA HIS A 299 -3.29 -21.59 -1.31
C HIS A 299 -4.56 -21.19 -2.07
N HIS A 300 -4.95 -21.96 -3.08
CA HIS A 300 -6.13 -21.59 -3.84
C HIS A 300 -7.35 -21.61 -2.91
N LEU A 301 -7.42 -22.63 -2.06
CA LEU A 301 -8.55 -22.65 -1.14
C LEU A 301 -8.51 -21.48 -0.14
N THR A 302 -7.31 -21.18 0.40
CA THR A 302 -7.22 -20.10 1.35
C THR A 302 -7.66 -18.81 0.65
N ARG A 303 -7.19 -18.64 -0.59
CA ARG A 303 -7.51 -17.43 -1.31
C ARG A 303 -9.02 -17.26 -1.51
N ALA A 304 -9.71 -18.38 -1.76
CA ALA A 304 -11.15 -18.30 -1.95
C ALA A 304 -11.84 -18.04 -0.62
N LEU A 305 -11.43 -18.75 0.47
CA LEU A 305 -12.05 -18.45 1.76
C LEU A 305 -11.83 -16.98 2.10
N ARG A 306 -10.60 -16.52 1.89
CA ARG A 306 -10.24 -15.14 2.16
C ARG A 306 -11.07 -14.13 1.36
N ALA A 307 -11.45 -14.48 0.14
CA ALA A 307 -12.23 -13.55 -0.67
C ALA A 307 -13.69 -13.52 -0.20
N ALA A 308 -14.22 -14.67 0.26
CA ALA A 308 -15.60 -14.64 0.77
C ALA A 308 -15.66 -13.73 2.00
N ALA A 309 -14.62 -13.82 2.83
CA ALA A 309 -14.58 -13.01 4.02
C ALA A 309 -14.38 -11.53 3.64
N ARG A 310 -13.60 -11.25 2.59
CA ARG A 310 -13.45 -9.85 2.17
C ARG A 310 -14.79 -9.24 1.77
N ILE A 311 -15.69 -10.06 1.17
CA ILE A 311 -16.97 -9.56 0.66
C ILE A 311 -17.97 -9.34 1.81
N VAL A 312 -18.12 -10.33 2.68
CA VAL A 312 -19.19 -10.22 3.66
C VAL A 312 -18.74 -9.48 4.92
N ALA A 313 -17.46 -9.61 5.29
CA ALA A 313 -16.98 -9.13 6.59
C ALA A 313 -15.59 -8.54 6.45
N PRO A 314 -15.44 -7.41 5.73
CA PRO A 314 -14.13 -6.74 5.60
C PRO A 314 -13.33 -6.63 6.88
N ALA A 315 -13.99 -6.62 8.05
CA ALA A 315 -13.33 -6.45 9.34
C ALA A 315 -12.43 -7.65 9.68
N VAL A 316 -12.69 -8.81 9.07
CA VAL A 316 -12.06 -10.04 9.46
C VAL A 316 -10.69 -10.19 8.82
N ALA A 317 -9.79 -10.91 9.50
CA ALA A 317 -8.50 -11.28 8.94
C ALA A 317 -8.17 -12.73 9.31
N PHE A 318 -7.22 -13.33 8.55
CA PHE A 318 -6.82 -14.72 8.75
C PHE A 318 -5.37 -14.74 9.18
N LYS A 319 -5.04 -15.72 10.05
CA LYS A 319 -3.68 -15.95 10.50
C LYS A 319 -3.36 -17.42 10.30
N ALA A 320 -2.25 -17.73 9.63
CA ALA A 320 -1.92 -19.10 9.25
C ALA A 320 -0.99 -19.72 10.28
N GLU A 321 -1.46 -20.84 10.85
CA GLU A 321 -0.60 -21.62 11.78
C GLU A 321 0.11 -22.72 10.99
N ALA A 322 1.35 -22.46 10.57
CA ALA A 322 2.19 -23.46 9.92
C ALA A 322 3.60 -23.19 10.43
N ILE A 323 4.17 -24.18 11.11
CA ILE A 323 5.59 -24.08 11.34
C ILE A 323 6.25 -24.94 10.26
N VAL A 324 6.99 -24.28 9.38
CA VAL A 324 7.59 -24.90 8.20
C VAL A 324 8.86 -24.10 7.91
N ALA A 325 9.80 -24.66 7.16
CA ALA A 325 11.02 -23.91 6.89
C ALA A 325 10.64 -22.58 6.25
N PRO A 326 11.49 -21.53 6.33
CA PRO A 326 11.18 -20.23 5.74
C PRO A 326 10.75 -20.22 4.26
N ALA A 327 11.40 -21.04 3.43
CA ALA A 327 11.13 -21.08 2.01
C ALA A 327 9.68 -21.48 1.77
N ASP A 328 9.16 -22.36 2.65
CA ASP A 328 7.79 -22.85 2.58
C ASP A 328 6.80 -21.86 3.19
N LEU A 329 7.22 -21.20 4.27
CA LEU A 329 6.33 -20.36 5.04
C LEU A 329 5.84 -19.18 4.20
N ILE A 330 6.73 -18.66 3.34
CA ILE A 330 6.42 -17.46 2.59
C ILE A 330 5.20 -17.67 1.70
N HIS A 331 4.89 -18.92 1.32
CA HIS A 331 3.74 -19.12 0.45
C HIS A 331 2.44 -18.88 1.21
N TYR A 332 2.47 -18.98 2.56
CA TYR A 332 1.26 -18.78 3.34
C TYR A 332 0.85 -17.32 3.42
N LEU A 333 1.76 -16.41 3.02
CA LEU A 333 1.48 -15.00 2.89
C LEU A 333 1.19 -14.58 1.44
N GLY A 334 1.55 -15.46 0.49
CA GLY A 334 1.12 -15.41 -0.89
C GLY A 334 2.29 -15.16 -1.84
N THR A 335 2.55 -16.07 -2.80
CA THR A 335 3.50 -15.74 -3.86
C THR A 335 2.83 -15.67 -5.24
N ARG A 336 3.52 -15.02 -6.20
CA ARG A 336 3.04 -14.82 -7.56
C ARG A 336 1.63 -14.24 -7.53
N ALA A 337 0.64 -14.98 -8.04
CA ALA A 337 -0.68 -14.39 -8.15
C ALA A 337 -1.36 -14.35 -6.79
N HIS A 338 -0.81 -15.03 -5.79
CA HIS A 338 -1.47 -15.11 -4.46
C HIS A 338 -0.93 -14.01 -3.54
N HIS A 339 -0.07 -13.13 -4.05
CA HIS A 339 0.57 -12.09 -3.19
C HIS A 339 -0.46 -11.38 -2.30
N GLY A 340 -0.36 -11.56 -0.98
CA GLY A 340 -1.27 -10.87 -0.05
C GLY A 340 -2.70 -11.34 -0.16
N LYS A 341 -2.92 -12.65 -0.35
CA LYS A 341 -4.30 -13.21 -0.44
C LYS A 341 -4.37 -14.49 0.40
N VAL A 342 -3.21 -15.10 0.68
CA VAL A 342 -3.22 -16.40 1.43
C VAL A 342 -3.23 -16.11 2.93
N SER A 343 -2.86 -14.91 3.35
CA SER A 343 -3.00 -14.57 4.80
C SER A 343 -2.69 -13.09 5.02
N ASP A 344 -3.05 -12.58 6.19
CA ASP A 344 -2.67 -11.21 6.56
C ASP A 344 -1.71 -11.41 7.73
N MET A 345 -1.47 -12.68 8.10
CA MET A 345 -0.63 -12.94 9.31
C MET A 345 -0.09 -14.38 9.39
N ALA A 346 1.22 -14.55 9.56
CA ALA A 346 1.81 -15.84 9.87
C ALA A 346 2.78 -15.63 11.02
N TYR A 347 3.10 -16.74 11.69
CA TYR A 347 4.00 -16.73 12.82
C TYR A 347 5.45 -16.69 12.32
N HIS A 348 6.29 -15.88 12.98
CA HIS A 348 7.70 -15.78 12.68
C HIS A 348 8.43 -16.68 13.66
N ASN A 349 8.30 -17.99 13.44
CA ASN A 349 8.87 -18.97 14.35
C ASN A 349 10.40 -18.80 14.42
N SER A 350 11.02 -18.49 13.28
CA SER A 350 12.45 -18.26 13.19
C SER A 350 12.96 -17.23 14.20
N LEU A 351 12.29 -16.08 14.30
CA LEU A 351 12.77 -15.02 15.16
C LEU A 351 12.75 -15.51 16.61
N MET A 352 11.70 -16.25 16.99
CA MET A 352 11.63 -16.73 18.37
C MET A 352 12.80 -17.66 18.68
N VAL A 353 13.16 -18.53 17.74
CA VAL A 353 14.21 -19.51 17.91
C VAL A 353 15.56 -18.79 18.05
N GLN A 354 15.77 -17.77 17.22
CA GLN A 354 17.03 -17.03 17.24
C GLN A 354 17.17 -16.17 18.50
N LEU A 355 16.05 -15.73 19.10
CA LEU A 355 16.13 -15.00 20.36
C LEU A 355 16.78 -15.87 21.44
N TRP A 356 16.25 -17.07 21.66
CA TRP A 356 16.75 -17.95 22.71
C TRP A 356 18.16 -18.44 22.36
N SER A 357 18.40 -18.67 21.07
CA SER A 357 19.69 -19.21 20.68
C SER A 357 20.79 -18.20 21.01
N SER A 358 20.52 -16.93 20.68
CA SER A 358 21.52 -15.90 20.87
C SER A 358 21.73 -15.59 22.35
N LEU A 359 20.64 -15.72 23.14
CA LEU A 359 20.71 -15.47 24.55
C LEU A 359 21.62 -16.50 25.22
N ALA A 360 21.57 -17.75 24.72
CA ALA A 360 22.39 -18.85 25.20
C ALA A 360 23.81 -18.74 24.66
N SER A 361 23.94 -18.45 23.38
CA SER A 361 25.25 -18.42 22.76
C SER A 361 26.01 -17.14 23.06
N ARG A 362 25.32 -16.07 23.49
CA ARG A 362 25.94 -14.76 23.62
C ARG A 362 26.51 -14.30 22.27
N ASN A 363 25.93 -14.80 21.16
CA ASN A 363 26.49 -14.55 19.84
C ASN A 363 25.35 -14.32 18.83
N THR A 364 25.53 -13.38 17.91
CA THR A 364 24.41 -13.10 17.04
C THR A 364 24.72 -13.33 15.57
N ARG A 365 25.87 -13.94 15.20
CA ARG A 365 26.13 -14.30 13.81
C ARG A 365 24.98 -15.16 13.26
N LEU A 366 24.61 -16.22 13.99
CA LEU A 366 23.55 -17.12 13.55
C LEU A 366 22.28 -16.30 13.29
N PHE A 367 21.96 -15.38 14.20
CA PHE A 367 20.76 -14.52 14.07
C PHE A 367 20.82 -13.75 12.77
N GLU A 368 21.92 -13.05 12.53
CA GLU A 368 22.08 -12.29 11.30
C GLU A 368 21.82 -13.20 10.09
N GLU A 369 22.37 -14.41 10.12
CA GLU A 369 22.33 -15.28 8.96
C GLU A 369 20.89 -15.71 8.73
N ALA A 370 20.24 -16.14 9.80
CA ALA A 370 18.86 -16.62 9.66
C ALA A 370 17.91 -15.53 9.14
N LEU A 371 18.15 -14.25 9.49
CA LEU A 371 17.28 -13.17 9.06
C LEU A 371 17.61 -12.81 7.62
N ARG A 372 18.87 -12.91 7.24
CA ARG A 372 19.27 -12.63 5.86
C ARG A 372 18.64 -13.64 4.89
N ALA A 373 18.46 -14.90 5.31
CA ALA A 373 17.99 -15.92 4.39
C ALA A 373 16.47 -15.92 4.34
N PHE A 374 15.87 -15.06 5.15
CA PHE A 374 14.41 -15.05 5.22
C PHE A 374 13.90 -14.20 4.07
N PRO A 375 12.92 -14.64 3.26
CA PRO A 375 12.58 -13.88 2.05
C PRO A 375 11.58 -12.78 2.41
N PRO A 376 11.57 -11.65 1.68
CA PRO A 376 10.65 -10.55 1.97
C PRO A 376 9.16 -10.90 1.87
N LYS A 377 8.35 -10.38 2.79
CA LYS A 377 6.92 -10.70 2.82
C LYS A 377 6.19 -9.68 1.96
N PRO A 378 4.92 -9.92 1.53
CA PRO A 378 4.12 -8.86 0.91
C PRO A 378 3.89 -7.80 1.97
N THR A 379 3.95 -6.53 1.54
CA THR A 379 3.99 -5.44 2.50
C THR A 379 2.64 -5.28 3.18
N SER A 380 1.57 -5.86 2.63
CA SER A 380 0.29 -5.65 3.29
C SER A 380 0.02 -6.73 4.35
N THR A 381 0.96 -7.67 4.55
CA THR A 381 0.82 -8.75 5.52
C THR A 381 1.70 -8.47 6.74
N THR A 382 1.64 -9.36 7.75
CA THR A 382 2.12 -9.01 9.06
C THR A 382 2.59 -10.26 9.79
N TRP A 383 3.81 -10.22 10.34
CA TRP A 383 4.27 -11.28 11.20
C TRP A 383 3.54 -11.20 12.55
N GLY A 384 3.35 -12.37 13.17
CA GLY A 384 3.06 -12.49 14.58
C GLY A 384 4.32 -12.98 15.28
N LEU A 385 4.75 -12.25 16.32
CA LEU A 385 6.05 -12.42 16.94
C LEU A 385 5.83 -12.80 18.39
N TYR A 386 6.60 -13.77 18.88
CA TYR A 386 6.43 -14.17 20.26
C TYR A 386 7.76 -14.55 20.87
N VAL A 387 7.81 -14.54 22.20
CA VAL A 387 9.00 -15.00 22.89
C VAL A 387 8.70 -16.41 23.37
N ARG A 388 7.46 -16.61 23.81
CA ARG A 388 6.94 -17.92 24.18
C ARG A 388 5.46 -18.01 23.83
N CYS A 389 4.92 -19.25 23.88
CA CYS A 389 3.53 -19.57 23.67
C CYS A 389 3.25 -20.90 24.36
N HIS A 390 2.07 -21.51 24.10
CA HIS A 390 1.61 -22.68 24.84
C HIS A 390 2.42 -23.91 24.42
N ASP A 391 3.31 -23.74 23.44
CA ASP A 391 4.11 -24.86 22.97
C ASP A 391 5.46 -24.99 23.66
N ASP A 392 5.96 -26.22 23.60
CA ASP A 392 7.37 -26.57 23.63
C ASP A 392 8.11 -25.80 22.55
N ILE A 393 9.43 -25.71 22.69
CA ILE A 393 10.32 -25.11 21.71
C ILE A 393 11.08 -26.24 21.02
N GLY A 394 10.99 -26.30 19.68
CA GLY A 394 11.91 -27.08 18.84
C GLY A 394 12.91 -26.17 18.12
N TRP A 395 14.19 -26.54 18.12
CA TRP A 395 15.24 -25.71 17.53
C TRP A 395 15.23 -25.78 16.01
N ALA A 396 14.36 -24.97 15.41
CA ALA A 396 14.25 -24.91 13.97
C ALA A 396 15.38 -24.04 13.42
N ILE A 397 16.59 -24.60 13.42
CA ILE A 397 17.74 -23.91 12.85
C ILE A 397 18.29 -24.77 11.71
N SER A 398 18.28 -24.26 10.49
CA SER A 398 18.64 -25.10 9.35
C SER A 398 20.15 -25.23 9.24
N ASP A 399 20.60 -26.27 8.52
CA ASP A 399 22.02 -26.56 8.43
C ASP A 399 22.72 -25.53 7.55
N GLU A 400 22.01 -25.01 6.55
CA GLU A 400 22.59 -24.01 5.65
C GLU A 400 22.89 -22.72 6.41
N ASP A 401 21.92 -22.28 7.23
CA ASP A 401 22.05 -21.06 8.02
C ASP A 401 23.22 -21.19 9.00
N ALA A 402 23.24 -22.31 9.72
CA ALA A 402 24.30 -22.62 10.66
C ALA A 402 25.66 -22.56 9.96
N ALA A 403 25.77 -23.19 8.79
CA ALA A 403 27.00 -23.20 8.01
C ALA A 403 27.49 -21.77 7.73
N ARG A 404 26.63 -20.91 7.17
CA ARG A 404 27.03 -19.56 6.82
C ARG A 404 27.49 -18.80 8.07
N ALA A 405 27.16 -19.32 9.27
CA ALA A 405 27.56 -18.66 10.50
C ALA A 405 28.85 -19.22 11.10
N GLY A 406 29.38 -20.31 10.51
CA GLY A 406 30.56 -20.98 11.04
C GLY A 406 30.19 -21.99 12.12
N LEU A 407 29.03 -22.62 12.00
CA LEU A 407 28.55 -23.49 13.07
C LEU A 407 28.12 -24.82 12.45
N ASN A 408 28.10 -25.87 13.25
CA ASN A 408 27.54 -27.14 12.85
C ASN A 408 26.10 -27.22 13.32
N GLY A 409 25.17 -27.22 12.36
CA GLY A 409 23.76 -27.35 12.66
C GLY A 409 23.48 -28.20 13.89
N ALA A 410 23.76 -29.51 13.81
CA ALA A 410 23.33 -30.45 14.84
C ALA A 410 24.08 -30.20 16.14
N ALA A 411 25.32 -29.69 16.04
CA ALA A 411 26.14 -29.43 17.21
C ALA A 411 25.50 -28.29 18.03
N HIS A 412 25.06 -27.25 17.29
CA HIS A 412 24.43 -26.08 17.88
C HIS A 412 23.08 -26.44 18.48
N ARG A 413 22.32 -27.27 17.77
CA ARG A 413 21.01 -27.70 18.23
C ARG A 413 21.12 -28.55 19.49
N HIS A 414 22.18 -29.36 19.58
CA HIS A 414 22.34 -30.19 20.77
C HIS A 414 22.68 -29.31 21.96
N PHE A 415 23.54 -28.31 21.72
CA PHE A 415 23.90 -27.31 22.72
C PHE A 415 22.64 -26.66 23.32
N LEU A 416 21.68 -26.24 22.47
CA LEU A 416 20.54 -25.46 22.93
C LEU A 416 19.67 -26.29 23.84
N SER A 417 19.43 -27.55 23.46
CA SER A 417 18.67 -28.42 24.33
C SER A 417 19.43 -28.69 25.64
N ASP A 418 20.74 -28.83 25.53
CA ASP A 418 21.55 -29.09 26.70
C ASP A 418 21.48 -27.85 27.61
N PHE A 419 21.53 -26.65 27.00
CA PHE A 419 21.53 -25.39 27.73
C PHE A 419 20.18 -25.15 28.41
N TYR A 420 19.10 -25.20 27.62
CA TYR A 420 17.80 -24.80 28.12
C TYR A 420 17.17 -25.89 28.99
N SER A 421 17.77 -27.08 29.02
CA SER A 421 17.24 -28.10 29.94
C SER A 421 17.85 -27.92 31.32
N GLY A 422 18.99 -27.22 31.41
CA GLY A 422 19.69 -27.04 32.67
C GLY A 422 20.97 -27.88 32.71
N GLN A 423 21.14 -28.82 31.76
CA GLN A 423 22.27 -29.72 31.85
C GLN A 423 23.61 -29.01 31.66
N PHE A 424 23.76 -28.19 30.62
CA PHE A 424 25.03 -27.52 30.34
C PHE A 424 25.57 -26.86 31.59
N PRO A 425 26.91 -26.94 31.86
CA PRO A 425 27.45 -26.47 33.14
C PRO A 425 27.33 -24.95 33.31
N GLY A 426 26.64 -24.57 34.41
CA GLY A 426 26.43 -23.19 34.85
C GLY A 426 25.44 -22.44 33.97
N SER A 427 24.46 -23.17 33.44
CA SER A 427 23.38 -22.55 32.67
C SER A 427 22.40 -21.89 33.63
N PHE A 428 21.81 -20.76 33.21
CA PHE A 428 20.84 -20.05 34.04
C PHE A 428 19.41 -20.58 33.84
N ALA A 429 19.23 -21.39 32.80
CA ALA A 429 17.93 -21.86 32.33
C ALA A 429 17.46 -23.04 33.19
N ARG A 430 16.14 -23.14 33.35
CA ARG A 430 15.52 -24.25 34.05
C ARG A 430 14.34 -24.71 33.19
N GLY A 431 14.63 -25.42 32.12
CA GLY A 431 13.55 -25.98 31.33
C GLY A 431 13.38 -27.47 31.63
N LEU A 432 12.36 -28.05 31.02
CA LEU A 432 12.17 -29.48 31.00
C LEU A 432 12.28 -29.94 29.55
N VAL A 433 12.84 -31.15 29.38
CA VAL A 433 12.88 -31.84 28.10
C VAL A 433 11.49 -32.41 27.85
N PHE A 434 10.93 -32.16 26.67
CA PHE A 434 9.57 -32.62 26.42
C PHE A 434 9.62 -33.89 25.56
N GLN A 435 10.33 -33.82 24.44
CA GLN A 435 10.45 -34.93 23.52
C GLN A 435 11.93 -35.26 23.37
N TYR A 436 12.25 -36.56 23.25
CA TYR A 436 13.65 -36.96 22.98
C TYR A 436 13.67 -37.85 21.73
N ASN A 437 14.48 -37.48 20.74
CA ASN A 437 14.61 -38.32 19.52
C ASN A 437 15.60 -39.45 19.81
N PRO A 438 15.27 -40.72 19.57
CA PRO A 438 16.24 -41.81 19.74
C PRO A 438 17.17 -41.88 18.53
N VAL A 439 17.02 -40.97 17.56
CA VAL A 439 17.86 -40.98 16.32
C VAL A 439 18.77 -39.75 16.33
N ASN A 440 18.33 -38.51 16.04
CA ASN A 440 19.27 -37.37 15.95
C ASN A 440 19.70 -37.03 17.37
N GLY A 441 18.83 -37.30 18.33
CA GLY A 441 19.12 -36.85 19.70
C GLY A 441 18.51 -35.47 19.86
N ASP A 442 17.66 -35.11 18.90
CA ASP A 442 17.02 -33.78 18.91
C ASP A 442 15.99 -33.75 20.03
N ARG A 443 15.99 -32.68 20.82
CA ARG A 443 15.11 -32.59 21.96
C ARG A 443 14.26 -31.33 21.83
N ARG A 444 13.14 -31.35 22.55
CA ARG A 444 12.20 -30.24 22.63
C ARG A 444 12.24 -29.71 24.07
N ILE A 445 11.97 -28.43 24.25
CA ILE A 445 12.05 -27.87 25.61
C ILE A 445 10.70 -27.29 26.00
N SER A 446 10.22 -27.63 27.21
CA SER A 446 9.15 -26.93 27.92
C SER A 446 9.74 -25.90 28.87
N GLY A 447 8.93 -24.93 29.35
CA GLY A 447 9.40 -23.97 30.36
C GLY A 447 8.91 -22.55 30.08
N SER A 448 8.76 -21.73 31.13
CA SER A 448 8.24 -20.37 30.95
C SER A 448 9.39 -19.42 30.62
N ALA A 449 9.05 -18.25 30.07
CA ALA A 449 10.09 -17.30 29.68
C ALA A 449 10.99 -17.01 30.88
N ALA A 450 10.37 -16.71 32.03
CA ALA A 450 11.11 -16.35 33.25
C ALA A 450 12.01 -17.49 33.72
N SER A 451 11.54 -18.75 33.66
CA SER A 451 12.41 -19.87 34.02
C SER A 451 13.56 -20.04 33.02
N LEU A 452 13.31 -19.84 31.72
CA LEU A 452 14.34 -20.07 30.72
C LEU A 452 15.37 -18.92 30.71
N ALA A 453 14.95 -17.71 31.09
CA ALA A 453 15.81 -16.53 31.02
C ALA A 453 16.67 -16.40 32.27
N GLY A 454 16.39 -17.21 33.31
CA GLY A 454 17.33 -17.44 34.39
C GLY A 454 16.82 -16.99 35.77
N LEU A 455 15.55 -16.58 35.82
CA LEU A 455 15.04 -15.98 37.02
C LEU A 455 14.75 -17.05 38.07
N GLU A 456 14.42 -18.26 37.66
CA GLU A 456 14.20 -19.30 38.64
C GLU A 456 15.51 -19.60 39.37
N ALA A 457 16.59 -19.86 38.61
CA ALA A 457 17.93 -20.07 39.11
C ALA A 457 18.35 -18.92 40.03
N ALA A 458 18.13 -17.70 39.57
CA ALA A 458 18.60 -16.54 40.31
C ALA A 458 17.87 -16.39 41.65
N LEU A 459 16.59 -16.77 41.71
CA LEU A 459 15.82 -16.65 42.95
C LEU A 459 16.32 -17.66 43.99
N GLU A 460 16.86 -18.80 43.55
CA GLU A 460 17.42 -19.80 44.46
C GLU A 460 18.67 -19.26 45.14
N THR A 461 19.36 -18.29 44.53
CA THR A 461 20.64 -17.85 45.05
C THR A 461 20.44 -16.61 45.92
N GLY A 462 19.35 -15.85 45.69
CA GLY A 462 19.11 -14.56 46.32
C GLY A 462 20.00 -13.41 45.80
N ASP A 463 20.96 -13.72 44.90
CA ASP A 463 21.95 -12.74 44.50
C ASP A 463 21.30 -11.58 43.74
N PRO A 464 21.41 -10.31 44.20
CA PRO A 464 20.86 -9.16 43.47
C PRO A 464 21.37 -9.05 42.03
N GLY A 465 22.65 -9.42 41.81
CA GLY A 465 23.32 -9.24 40.53
C GLY A 465 22.81 -10.18 39.43
N ARG A 466 22.52 -11.44 39.81
CA ARG A 466 21.97 -12.48 38.95
C ARG A 466 20.47 -12.32 38.74
N ILE A 467 19.76 -11.77 39.73
CA ILE A 467 18.35 -11.43 39.60
C ILE A 467 18.18 -10.29 38.60
N GLU A 468 19.06 -9.28 38.66
CA GLU A 468 19.02 -8.14 37.76
C GLU A 468 19.28 -8.65 36.34
N ASP A 469 20.23 -9.58 36.19
CA ASP A 469 20.55 -10.12 34.89
C ASP A 469 19.33 -10.79 34.26
N ALA A 470 18.61 -11.59 35.06
CA ALA A 470 17.42 -12.27 34.58
C ALA A 470 16.32 -11.28 34.19
N VAL A 471 16.11 -10.24 34.98
CA VAL A 471 15.11 -9.22 34.65
C VAL A 471 15.47 -8.57 33.32
N ARG A 472 16.76 -8.29 33.10
CA ARG A 472 17.16 -7.59 31.91
C ARG A 472 17.10 -8.50 30.67
N ARG A 473 17.19 -9.82 30.88
CA ARG A 473 17.08 -10.76 29.77
C ARG A 473 15.65 -10.81 29.27
N LEU A 474 14.70 -10.91 30.21
CA LEU A 474 13.29 -10.92 29.86
C LEU A 474 12.91 -9.65 29.11
N LEU A 475 13.40 -8.51 29.60
CA LEU A 475 13.11 -7.25 28.96
C LEU A 475 13.73 -7.19 27.58
N LEU A 476 14.95 -7.71 27.42
CA LEU A 476 15.62 -7.66 26.13
C LEU A 476 14.84 -8.45 25.08
N LEU A 477 14.38 -9.66 25.45
CA LEU A 477 13.64 -10.48 24.51
C LEU A 477 12.36 -9.76 24.09
N HIS A 478 11.63 -9.18 25.07
CA HIS A 478 10.37 -8.53 24.76
C HIS A 478 10.59 -7.28 23.92
N THR A 479 11.77 -6.67 24.05
CA THR A 479 12.00 -5.44 23.32
C THR A 479 12.12 -5.78 21.84
N VAL A 480 12.83 -6.89 21.54
CA VAL A 480 13.06 -7.30 20.17
C VAL A 480 11.71 -7.55 19.51
N ILE A 481 10.85 -8.34 20.15
CA ILE A 481 9.57 -8.58 19.48
C ILE A 481 8.71 -7.31 19.41
N LEU A 482 8.92 -6.32 20.30
CA LEU A 482 8.10 -5.12 20.27
C LEU A 482 8.58 -4.16 19.20
N GLY A 483 9.82 -4.35 18.72
CA GLY A 483 10.40 -3.40 17.78
C GLY A 483 10.66 -3.99 16.38
N PHE A 484 10.38 -5.28 16.20
CA PHE A 484 10.85 -5.97 15.01
C PHE A 484 9.95 -5.65 13.80
N GLY A 485 8.69 -5.29 14.05
CA GLY A 485 7.72 -5.07 13.00
C GLY A 485 6.73 -6.24 12.94
N GLY A 486 5.44 -5.99 13.29
CA GLY A 486 4.49 -7.07 13.46
C GLY A 486 3.85 -7.01 14.84
N VAL A 487 2.92 -7.94 15.06
CA VAL A 487 2.10 -7.95 16.26
C VAL A 487 2.84 -8.78 17.30
N PRO A 488 3.29 -8.17 18.41
CA PRO A 488 3.86 -8.92 19.52
C PRO A 488 2.75 -9.67 20.26
N LEU A 489 2.96 -10.99 20.42
CA LEU A 489 1.97 -11.84 21.06
C LEU A 489 2.44 -12.19 22.47
N LEU A 490 2.17 -11.30 23.43
CA LEU A 490 2.51 -11.57 24.82
C LEU A 490 1.80 -12.81 25.28
N TYR A 491 2.57 -13.69 25.91
CA TYR A 491 2.03 -14.92 26.46
C TYR A 491 1.61 -14.68 27.91
N MET A 492 0.42 -15.18 28.29
CA MET A 492 -0.22 -14.77 29.53
C MET A 492 0.73 -14.93 30.72
N GLY A 493 1.11 -13.81 31.32
CA GLY A 493 1.76 -13.83 32.59
C GLY A 493 3.27 -13.67 32.48
N ASP A 494 3.75 -13.54 31.24
CA ASP A 494 5.13 -13.15 31.05
C ASP A 494 5.37 -11.74 31.59
N GLU A 495 4.31 -10.90 31.64
CA GLU A 495 4.39 -9.56 32.19
C GLU A 495 4.50 -9.58 33.72
N LEU A 496 4.22 -10.74 34.32
CA LEU A 496 4.38 -10.97 35.75
C LEU A 496 5.57 -11.88 36.01
N ALA A 497 6.31 -12.23 34.96
CA ALA A 497 7.47 -13.10 35.10
C ALA A 497 7.15 -14.38 35.85
N LEU A 498 6.06 -15.08 35.47
CA LEU A 498 5.70 -16.36 36.10
C LEU A 498 6.73 -17.43 35.78
N LEU A 499 7.11 -18.21 36.80
CA LEU A 499 8.11 -19.26 36.72
C LEU A 499 7.41 -20.58 36.43
N ASN A 500 8.19 -21.61 36.10
CA ASN A 500 7.66 -22.96 35.93
C ASN A 500 6.75 -23.30 37.11
N ASP A 501 5.56 -23.80 36.78
CA ASP A 501 4.61 -24.25 37.83
C ASP A 501 4.79 -25.75 37.97
N TYR A 502 5.17 -26.23 39.16
CA TYR A 502 5.45 -27.67 39.34
C TYR A 502 4.27 -28.33 40.07
N ALA A 503 3.06 -27.82 39.84
CA ALA A 503 1.85 -28.43 40.45
C ALA A 503 1.06 -29.13 39.35
N PHE A 504 1.58 -29.11 38.11
CA PHE A 504 0.92 -29.78 36.97
C PHE A 504 1.02 -31.30 37.15
N GLU A 505 2.07 -31.76 37.84
CA GLU A 505 2.23 -33.21 38.09
C GLU A 505 1.16 -33.65 39.09
N ASP A 506 0.77 -32.75 40.00
CA ASP A 506 -0.30 -33.06 40.98
C ASP A 506 -1.62 -33.21 40.23
N VAL A 507 -1.80 -32.48 39.12
CA VAL A 507 -3.04 -32.63 38.29
C VAL A 507 -2.95 -33.97 37.53
N PRO A 508 -3.78 -35.04 37.77
CA PRO A 508 -3.60 -36.28 37.02
C PRO A 508 -3.78 -36.18 35.50
N GLU A 509 -4.48 -35.14 35.02
CA GLU A 509 -4.77 -34.96 33.59
C GLU A 509 -3.60 -34.27 32.89
N HIS A 510 -2.80 -33.54 33.67
CA HIS A 510 -1.68 -32.77 33.13
C HIS A 510 -0.37 -33.58 33.19
N ALA A 511 -0.17 -34.34 34.29
CA ALA A 511 1.08 -35.04 34.61
C ALA A 511 1.75 -35.69 33.40
N PRO A 512 1.05 -36.39 32.49
CA PRO A 512 1.70 -36.99 31.31
C PRO A 512 2.39 -35.98 30.37
N ASP A 513 1.89 -34.73 30.32
CA ASP A 513 2.26 -33.73 29.34
C ASP A 513 2.90 -32.49 30.00
N ASN A 514 4.26 -32.39 29.96
CA ASN A 514 4.94 -31.42 30.80
C ASN A 514 4.94 -30.00 30.23
N ARG A 515 4.22 -29.80 29.11
CA ARG A 515 3.96 -28.46 28.59
C ARG A 515 3.11 -27.66 29.58
N TRP A 516 2.34 -28.35 30.44
CA TRP A 516 1.58 -27.66 31.48
C TRP A 516 2.49 -26.85 32.40
N VAL A 517 3.80 -27.11 32.34
CA VAL A 517 4.75 -26.43 33.20
C VAL A 517 4.75 -24.94 32.87
N HIS A 518 4.48 -24.58 31.61
CA HIS A 518 4.53 -23.18 31.23
C HIS A 518 3.13 -22.69 30.87
N ARG A 519 2.10 -23.27 31.50
CA ARG A 519 0.73 -22.93 31.21
C ARG A 519 -0.01 -22.69 32.52
N PRO A 520 0.47 -21.72 33.34
CA PRO A 520 -0.04 -21.58 34.70
C PRO A 520 -1.45 -20.99 34.78
N GLN A 521 -2.08 -21.14 35.95
CA GLN A 521 -3.28 -20.39 36.34
C GLN A 521 -2.88 -18.94 36.62
N MET A 522 -3.71 -17.99 36.21
CA MET A 522 -3.43 -16.61 36.57
C MET A 522 -3.78 -16.43 38.04
N ASP A 523 -2.84 -15.88 38.82
CA ASP A 523 -3.16 -15.49 40.20
C ASP A 523 -3.44 -13.97 40.24
N TRP A 524 -4.73 -13.62 40.37
CA TRP A 524 -5.08 -12.21 40.36
C TRP A 524 -4.56 -11.43 41.57
N ALA A 525 -4.41 -12.11 42.73
CA ALA A 525 -3.81 -11.50 43.91
C ALA A 525 -2.34 -11.18 43.62
N LEU A 526 -1.67 -12.08 42.91
CA LEU A 526 -0.26 -11.91 42.60
C LEU A 526 -0.08 -10.74 41.64
N ALA A 527 -1.01 -10.63 40.68
CA ALA A 527 -1.00 -9.54 39.72
C ALA A 527 -1.15 -8.19 40.45
N GLU A 528 -2.01 -8.11 41.48
CA GLU A 528 -2.17 -6.89 42.25
C GLU A 528 -0.92 -6.59 43.08
N ARG A 529 -0.32 -7.62 43.67
CA ARG A 529 0.93 -7.45 44.40
C ARG A 529 2.03 -6.86 43.50
N VAL A 530 2.15 -7.36 42.27
CA VAL A 530 3.21 -6.96 41.36
C VAL A 530 3.06 -5.50 40.92
N ARG A 531 1.82 -5.02 40.73
CA ARG A 531 1.54 -3.63 40.36
C ARG A 531 2.08 -2.71 41.47
N GLN A 532 2.03 -3.18 42.72
CA GLN A 532 2.27 -2.35 43.89
C GLN A 532 3.67 -2.57 44.45
N GLU A 533 4.48 -3.44 43.83
CA GLU A 533 5.84 -3.65 44.31
C GLU A 533 6.81 -3.45 43.17
N PRO A 534 6.99 -2.19 42.71
CA PRO A 534 7.78 -1.91 41.50
C PRO A 534 9.24 -2.36 41.51
N SER A 535 9.78 -2.66 42.69
CA SER A 535 11.19 -3.02 42.69
C SER A 535 11.41 -4.45 43.17
N SER A 536 10.33 -5.24 43.27
CA SER A 536 10.52 -6.69 43.18
C SER A 536 10.97 -7.07 41.76
N PRO A 537 11.45 -8.33 41.54
CA PRO A 537 11.73 -8.82 40.18
C PRO A 537 10.55 -8.73 39.22
N ALA A 538 9.38 -9.23 39.66
CA ALA A 538 8.24 -9.25 38.75
C ALA A 538 7.84 -7.80 38.44
N GLY A 539 7.95 -6.95 39.47
CA GLY A 539 7.62 -5.54 39.33
C GLY A 539 8.54 -4.81 38.36
N ARG A 540 9.81 -5.22 38.34
CA ARG A 540 10.77 -4.62 37.44
C ARG A 540 10.42 -5.02 36.00
N VAL A 541 10.00 -6.28 35.84
CA VAL A 541 9.59 -6.78 34.53
C VAL A 541 8.30 -6.10 34.11
N ASN A 542 7.36 -6.00 35.05
CA ASN A 542 6.05 -5.47 34.77
C ASN A 542 6.17 -4.00 34.36
N THR A 543 6.90 -3.23 35.16
CA THR A 543 7.10 -1.81 34.90
C THR A 543 7.84 -1.63 33.56
N GLY A 544 8.88 -2.44 33.36
CA GLY A 544 9.74 -2.31 32.19
C GLY A 544 8.96 -2.59 30.92
N LEU A 545 8.14 -3.65 30.95
CA LEU A 545 7.28 -4.05 29.84
C LEU A 545 6.24 -2.98 29.50
N ARG A 546 5.56 -2.43 30.50
CA ARG A 546 4.48 -1.44 30.25
C ARG A 546 5.09 -0.20 29.64
N HIS A 547 6.36 0.07 29.95
CA HIS A 547 7.06 1.20 29.38
C HIS A 547 7.41 0.94 27.92
N LEU A 548 7.92 -0.26 27.61
CA LEU A 548 8.21 -0.62 26.23
C LEU A 548 6.93 -0.59 25.39
N LEU A 549 5.77 -1.05 25.95
CA LEU A 549 4.53 -1.06 25.19
C LEU A 549 4.09 0.36 24.85
N ARG A 550 4.32 1.28 25.80
N ARG A 550 4.32 1.28 25.80
CA ARG A 550 3.95 2.68 25.66
CA ARG A 550 3.93 2.67 25.63
C ARG A 550 4.82 3.33 24.59
C ARG A 550 4.81 3.33 24.57
N VAL A 551 6.11 3.01 24.55
CA VAL A 551 7.01 3.62 23.57
C VAL A 551 6.69 3.07 22.17
N ARG A 552 6.38 1.78 22.09
CA ARG A 552 6.05 1.16 20.82
C ARG A 552 4.86 1.86 20.21
N ARG A 553 3.81 2.04 21.02
CA ARG A 553 2.58 2.66 20.58
C ARG A 553 2.77 4.08 20.09
N ASP A 554 3.96 4.63 20.25
CA ASP A 554 4.19 5.99 19.80
C ASP A 554 5.38 6.11 18.84
N THR A 555 5.86 4.99 18.27
CA THR A 555 6.94 5.01 17.30
C THR A 555 6.44 4.61 15.92
N PRO A 556 6.17 5.59 15.01
CA PRO A 556 5.56 5.27 13.71
C PRO A 556 6.37 4.28 12.86
N GLN A 557 7.69 4.31 13.03
CA GLN A 557 8.62 3.48 12.29
C GLN A 557 8.40 2.00 12.54
N LEU A 558 7.53 1.65 13.50
CA LEU A 558 7.31 0.24 13.74
C LEU A 558 6.12 -0.29 12.93
N HIS A 559 5.58 0.55 12.04
CA HIS A 559 4.56 0.09 11.11
C HIS A 559 4.99 -1.22 10.42
N ALA A 560 4.16 -2.27 10.44
CA ALA A 560 4.57 -3.61 10.04
C ALA A 560 4.78 -3.76 8.52
N SER A 561 4.35 -2.78 7.73
CA SER A 561 4.56 -2.87 6.30
C SER A 561 6.05 -2.76 5.98
N ILE A 562 6.86 -2.31 6.94
CA ILE A 562 8.27 -2.04 6.75
C ILE A 562 9.01 -3.17 7.46
N GLU A 563 9.95 -3.79 6.76
CA GLU A 563 10.71 -4.92 7.29
C GLU A 563 12.00 -4.42 7.93
N SER A 564 12.37 -5.03 9.07
CA SER A 564 13.65 -4.75 9.70
C SER A 564 14.77 -5.41 8.91
N GLN A 565 15.79 -4.63 8.53
CA GLN A 565 16.95 -5.16 7.82
C GLN A 565 18.13 -5.29 8.75
N VAL A 566 18.90 -6.36 8.57
CA VAL A 566 20.09 -6.59 9.36
C VAL A 566 21.22 -5.68 8.89
N LEU A 567 21.80 -4.95 9.83
CA LEU A 567 23.00 -4.18 9.62
C LEU A 567 24.12 -5.04 10.18
N PRO A 568 25.03 -5.55 9.34
CA PRO A 568 26.05 -6.51 9.80
C PRO A 568 26.85 -5.84 10.94
N SER A 569 27.00 -6.54 12.07
CA SER A 569 27.56 -5.98 13.29
C SER A 569 29.06 -6.26 13.39
N PRO A 570 29.89 -5.29 13.81
CA PRO A 570 31.31 -5.55 14.06
C PRO A 570 31.57 -6.30 15.37
N ASP A 571 30.53 -6.51 16.20
CA ASP A 571 30.66 -7.21 17.46
C ASP A 571 29.55 -8.26 17.56
N SER A 572 29.97 -9.53 17.73
CA SER A 572 29.07 -10.67 17.67
C SER A 572 28.15 -10.73 18.90
N ARG A 573 28.38 -9.84 19.88
CA ARG A 573 27.53 -9.72 21.05
C ARG A 573 26.32 -8.89 20.69
N ALA A 574 26.41 -8.13 19.59
CA ALA A 574 25.35 -7.20 19.28
C ALA A 574 24.60 -7.59 18.01
N LEU A 575 23.30 -7.26 17.99
CA LEU A 575 22.47 -7.33 16.80
C LEU A 575 22.01 -5.91 16.46
N LEU A 576 22.15 -5.51 15.19
CA LEU A 576 21.71 -4.20 14.73
C LEU A 576 20.68 -4.32 13.61
N LEU A 577 19.59 -3.57 13.72
CA LEU A 577 18.49 -3.67 12.78
C LEU A 577 18.14 -2.28 12.28
N ARG A 578 17.95 -2.15 10.96
CA ARG A 578 17.60 -0.88 10.36
C ARG A 578 16.17 -0.91 9.85
N ARG A 579 15.43 0.19 10.05
CA ARG A 579 14.07 0.33 9.56
C ARG A 579 13.96 1.68 8.84
N ASP A 580 13.71 1.67 7.52
CA ASP A 580 13.54 2.91 6.77
C ASP A 580 12.09 3.39 6.85
N HIS A 581 11.91 4.71 6.98
CA HIS A 581 10.58 5.29 7.11
C HIS A 581 10.64 6.76 6.72
N PRO A 582 9.55 7.30 6.11
CA PRO A 582 9.48 8.73 5.74
C PRO A 582 9.77 9.78 6.81
N LEU A 583 9.46 9.54 8.09
CA LEU A 583 9.79 10.50 9.14
C LEU A 583 11.27 10.42 9.51
N GLY A 584 11.98 9.44 8.97
CA GLY A 584 13.39 9.26 9.22
C GLY A 584 13.66 7.87 9.76
N GLY A 585 14.82 7.33 9.39
CA GLY A 585 15.17 5.96 9.75
C GLY A 585 15.26 5.73 11.25
N MET A 586 15.33 4.46 11.61
CA MET A 586 15.54 4.01 12.98
C MET A 586 16.56 2.89 12.91
N VAL A 587 17.47 2.84 13.90
CA VAL A 587 18.33 1.68 14.09
C VAL A 587 18.10 1.13 15.49
N GLN A 588 17.90 -0.18 15.57
CA GLN A 588 17.72 -0.86 16.84
C GLN A 588 19.01 -1.60 17.16
N VAL A 589 19.48 -1.48 18.39
CA VAL A 589 20.74 -2.07 18.82
C VAL A 589 20.48 -2.94 20.05
N TYR A 590 20.78 -4.25 19.96
CA TYR A 590 20.58 -5.16 21.07
C TYR A 590 21.89 -5.83 21.45
N ASN A 591 22.19 -5.83 22.75
CA ASN A 591 23.33 -6.54 23.30
C ASN A 591 22.86 -7.87 23.92
N PHE A 592 23.25 -9.01 23.35
CA PHE A 592 22.82 -10.30 23.87
C PHE A 592 23.79 -10.91 24.90
N SER A 593 24.69 -10.07 25.44
CA SER A 593 25.62 -10.56 26.44
C SER A 593 25.52 -9.72 27.72
N GLU A 594 26.17 -10.22 28.77
CA GLU A 594 26.28 -9.54 30.05
C GLU A 594 27.28 -8.41 29.94
N GLU A 595 28.25 -8.56 29.04
CA GLU A 595 29.39 -7.59 28.97
C GLU A 595 29.04 -6.30 28.21
N THR A 596 29.71 -5.21 28.58
CA THR A 596 29.55 -3.95 27.88
C THR A 596 30.15 -4.03 26.47
N VAL A 597 29.45 -3.49 25.49
CA VAL A 597 29.90 -3.48 24.10
C VAL A 597 30.22 -2.05 23.67
N MET A 598 31.40 -1.82 23.07
CA MET A 598 31.71 -0.53 22.47
C MET A 598 31.52 -0.67 20.97
N LEU A 599 30.38 -0.22 20.46
CA LEU A 599 30.11 -0.17 19.03
C LEU A 599 30.83 1.01 18.39
N PRO A 600 31.49 0.86 17.21
CA PRO A 600 32.01 2.01 16.45
C PRO A 600 30.86 2.93 16.04
N SER A 601 31.13 4.24 15.97
CA SER A 601 30.09 5.24 15.80
C SER A 601 29.66 5.35 14.34
N HIS A 602 30.62 5.14 13.43
CA HIS A 602 30.37 5.33 12.02
C HIS A 602 29.19 4.47 11.57
N VAL A 603 29.01 3.27 12.16
CA VAL A 603 28.00 2.34 11.67
C VAL A 603 26.59 2.93 11.86
N LEU A 604 26.39 3.69 12.96
CA LEU A 604 25.15 4.40 13.21
C LEU A 604 25.15 5.76 12.50
N ARG A 605 26.27 6.47 12.46
CA ARG A 605 26.27 7.81 11.83
C ARG A 605 25.92 7.68 10.35
N ASP A 606 26.26 6.56 9.72
CA ASP A 606 26.09 6.41 8.29
C ASP A 606 24.62 6.21 7.94
N VAL A 607 23.79 5.76 8.88
CA VAL A 607 22.38 5.56 8.62
C VAL A 607 21.56 6.71 9.19
N LEU A 608 21.98 7.33 10.31
CA LEU A 608 21.07 8.18 11.04
C LEU A 608 21.49 9.65 11.03
N GLY A 609 22.78 9.91 10.76
CA GLY A 609 23.25 11.28 10.86
C GLY A 609 23.98 11.52 12.18
N ASP A 610 24.18 12.80 12.53
CA ASP A 610 25.17 13.19 13.52
C ASP A 610 24.58 13.21 14.93
N HIS A 611 23.29 13.56 15.04
CA HIS A 611 22.63 13.68 16.34
C HIS A 611 21.46 12.71 16.41
N VAL A 612 21.40 11.91 17.47
CA VAL A 612 20.32 10.94 17.54
C VAL A 612 19.72 10.91 18.93
N GLN A 613 18.62 10.19 19.04
CA GLN A 613 17.83 10.08 20.25
C GLN A 613 17.42 8.62 20.41
N ASP A 614 17.64 8.09 21.62
CA ASP A 614 17.12 6.80 22.03
C ASP A 614 15.69 6.98 22.51
N ARG A 615 14.74 6.42 21.76
CA ARG A 615 13.35 6.50 22.13
C ARG A 615 13.07 5.69 23.39
N LEU A 616 13.96 4.78 23.80
CA LEU A 616 13.60 3.90 24.91
C LEU A 616 13.84 4.60 26.24
N SER A 617 14.97 5.29 26.38
CA SER A 617 15.30 5.95 27.63
C SER A 617 15.03 7.45 27.57
N GLY A 618 14.95 8.02 26.35
CA GLY A 618 14.73 9.45 26.21
C GLY A 618 16.00 10.26 25.95
N SER A 619 17.17 9.74 26.38
CA SER A 619 18.45 10.44 26.24
C SER A 619 18.92 10.60 24.78
N ALA A 620 19.74 11.63 24.52
CA ALA A 620 20.38 11.85 23.23
C ALA A 620 21.75 11.16 23.18
N PHE A 621 22.28 10.96 21.97
CA PHE A 621 23.55 10.30 21.73
C PHE A 621 24.38 11.16 20.79
N ARG A 622 25.66 11.22 21.09
CA ARG A 622 26.59 12.02 20.26
C ARG A 622 27.45 11.03 19.52
N LEU A 623 27.24 10.92 18.22
CA LEU A 623 28.01 9.93 17.44
C LEU A 623 29.35 10.57 17.11
N ASP A 624 29.58 11.81 17.54
CA ASP A 624 30.89 12.48 17.30
C ASP A 624 31.99 11.85 18.17
N ARG A 625 31.70 10.77 18.89
CA ARG A 625 32.74 10.08 19.61
C ARG A 625 33.11 8.88 18.76
N PRO A 626 34.33 8.31 18.87
CA PRO A 626 34.66 7.09 18.12
C PRO A 626 33.77 5.88 18.45
N THR A 627 33.20 5.83 19.66
CA THR A 627 32.47 4.65 20.10
C THR A 627 31.21 5.01 20.89
N VAL A 628 30.36 4.00 21.08
CA VAL A 628 29.10 4.20 21.78
C VAL A 628 28.99 3.06 22.78
N ARG A 629 28.85 3.41 24.06
CA ARG A 629 28.80 2.39 25.14
C ARG A 629 27.44 1.71 25.13
N LEU A 630 27.42 0.38 25.19
CA LEU A 630 26.15 -0.32 25.27
C LEU A 630 26.21 -1.39 26.36
N GLU A 631 25.56 -1.11 27.50
CA GLU A 631 25.70 -1.99 28.66
C GLU A 631 24.98 -3.30 28.38
N GLY A 632 25.12 -4.25 29.31
CA GLY A 632 24.73 -5.64 29.09
C GLY A 632 23.22 -5.75 29.04
N TYR A 633 22.73 -6.43 28.00
CA TYR A 633 21.30 -6.63 27.80
C TYR A 633 20.58 -5.32 27.48
N ARG A 634 21.31 -4.26 27.09
CA ARG A 634 20.67 -2.98 26.80
C ARG A 634 20.15 -3.02 25.37
N ALA A 635 19.03 -2.33 25.15
CA ALA A 635 18.50 -2.06 23.83
C ALA A 635 18.46 -0.55 23.60
N LEU A 636 18.86 -0.12 22.41
CA LEU A 636 18.59 1.24 21.96
C LEU A 636 17.58 1.22 20.82
N TRP A 637 16.62 2.16 20.77
CA TRP A 637 15.87 2.42 19.53
C TRP A 637 16.22 3.82 19.04
N LEU A 638 17.27 3.92 18.22
CA LEU A 638 17.83 5.20 17.83
C LEU A 638 17.08 5.74 16.62
N THR A 639 16.69 7.03 16.70
CA THR A 639 16.24 7.76 15.53
C THR A 639 16.98 9.09 15.49
N ALA A 640 16.95 9.76 14.33
CA ALA A 640 17.55 11.08 14.14
C ALA A 640 16.90 12.11 15.07
N GLY A 641 17.63 13.19 15.40
CA GLY A 641 17.00 14.45 15.84
C GLY A 641 17.69 15.12 17.02
N LEU B 1 -11.94 15.98 17.20
CA LEU B 1 -13.30 15.32 17.20
C LEU B 1 -13.75 15.15 18.64
N THR B 2 -14.73 15.96 19.03
CA THR B 2 -15.23 16.05 20.39
C THR B 2 -16.60 15.37 20.46
N SER B 3 -17.31 15.56 21.58
CA SER B 3 -18.67 15.09 21.75
C SER B 3 -19.64 16.01 21.01
N GLU B 4 -19.24 17.29 20.91
CA GLU B 4 -20.00 18.38 20.30
C GLU B 4 -20.15 18.12 18.79
N LEU B 5 -19.00 18.01 18.10
CA LEU B 5 -18.99 17.75 16.67
C LEU B 5 -19.82 16.50 16.34
N ALA B 6 -19.58 15.43 17.09
CA ALA B 6 -20.25 14.16 16.88
C ALA B 6 -21.76 14.34 17.02
N ALA B 7 -22.18 15.16 17.98
CA ALA B 7 -23.62 15.26 18.16
C ALA B 7 -24.25 16.10 17.05
N GLN B 8 -23.57 17.20 16.67
CA GLN B 8 -23.91 18.06 15.54
C GLN B 8 -24.08 17.22 14.28
N VAL B 9 -23.03 16.46 13.95
CA VAL B 9 -23.05 15.45 12.90
C VAL B 9 -24.24 14.52 13.09
N ARG B 10 -24.45 14.02 14.31
CA ARG B 10 -25.43 12.95 14.48
C ARG B 10 -26.85 13.47 14.24
N ASP B 11 -27.04 14.76 14.55
CA ASP B 11 -28.35 15.40 14.49
C ASP B 11 -28.59 16.00 13.12
N ALA B 12 -27.51 16.15 12.33
CA ALA B 12 -27.59 16.63 10.95
C ALA B 12 -28.10 15.59 9.95
N PHE B 13 -28.35 14.33 10.37
CA PHE B 13 -28.68 13.26 9.43
C PHE B 13 -29.96 12.51 9.80
N ASP B 14 -30.85 12.39 8.83
CA ASP B 14 -32.10 11.67 9.01
C ASP B 14 -31.80 10.17 9.11
N ASP B 15 -30.93 9.68 8.23
CA ASP B 15 -30.53 8.29 8.23
C ASP B 15 -29.30 8.09 9.13
N ASP B 16 -29.37 7.05 9.96
CA ASP B 16 -28.32 6.78 10.94
C ASP B 16 -27.04 6.28 10.26
N ARG B 17 -27.16 5.50 9.18
CA ARG B 17 -26.02 4.97 8.46
C ARG B 17 -25.18 6.07 7.83
N ASP B 18 -25.81 7.15 7.34
CA ASP B 18 -25.08 8.32 6.90
C ASP B 18 -24.26 8.93 8.03
N ALA B 19 -24.88 9.07 9.19
CA ALA B 19 -24.21 9.67 10.31
C ALA B 19 -22.97 8.85 10.65
N GLU B 20 -23.13 7.52 10.65
CA GLU B 20 -22.05 6.64 11.05
C GLU B 20 -20.91 6.76 10.04
N THR B 21 -21.26 6.84 8.75
CA THR B 21 -20.27 6.83 7.70
C THR B 21 -19.46 8.11 7.85
N PHE B 22 -20.20 9.22 7.98
CA PHE B 22 -19.56 10.51 8.13
C PHE B 22 -18.63 10.46 9.35
N LEU B 23 -19.10 9.92 10.47
CA LEU B 23 -18.29 9.93 11.67
C LEU B 23 -17.05 9.05 11.51
N LEU B 24 -17.21 7.85 10.94
CA LEU B 24 -16.05 6.99 10.77
C LEU B 24 -15.02 7.69 9.89
N ARG B 25 -15.47 8.39 8.84
CA ARG B 25 -14.56 9.08 7.94
C ARG B 25 -13.85 10.23 8.65
N LEU B 26 -14.57 10.93 9.51
CA LEU B 26 -14.04 12.04 10.29
C LEU B 26 -12.99 11.54 11.29
N GLU B 27 -13.25 10.44 12.00
CA GLU B 27 -12.22 9.79 12.82
C GLU B 27 -11.00 9.44 11.98
N ARG B 28 -11.20 8.86 10.79
CA ARG B 28 -10.10 8.33 10.02
C ARG B 28 -9.24 9.49 9.53
N TYR B 29 -9.84 10.62 9.13
CA TYR B 29 -9.01 11.61 8.44
C TYR B 29 -8.87 12.90 9.25
N GLY B 30 -9.47 12.92 10.45
CA GLY B 30 -9.45 14.06 11.35
C GLY B 30 -8.04 14.56 11.64
N GLU B 31 -7.12 13.65 11.98
CA GLU B 31 -5.71 13.93 12.22
C GLU B 31 -5.14 14.84 11.14
N ASP B 32 -5.09 14.32 9.92
CA ASP B 32 -4.72 15.04 8.70
C ASP B 32 -5.29 16.46 8.63
N LEU B 33 -6.59 16.61 8.91
CA LEU B 33 -7.31 17.87 8.71
C LEU B 33 -6.97 18.90 9.79
N TRP B 34 -7.20 18.57 11.06
CA TRP B 34 -7.08 19.55 12.12
C TRP B 34 -5.62 19.91 12.38
N GLU B 35 -4.73 18.92 12.45
CA GLU B 35 -3.32 19.22 12.64
C GLU B 35 -2.84 20.21 11.58
N SER B 36 -3.34 20.09 10.35
CA SER B 36 -2.84 20.91 9.26
C SER B 36 -3.37 22.35 9.34
N LEU B 37 -4.64 22.51 9.73
CA LEU B 37 -5.24 23.82 9.79
C LEU B 37 -4.57 24.61 10.92
N ARG B 38 -4.22 23.92 12.02
CA ARG B 38 -3.56 24.53 13.17
C ARG B 38 -2.20 25.05 12.75
N ALA B 39 -1.47 24.27 11.94
CA ALA B 39 -0.13 24.65 11.52
C ALA B 39 -0.21 25.88 10.64
N VAL B 40 -1.36 26.15 10.02
CA VAL B 40 -1.43 27.25 9.07
C VAL B 40 -2.06 28.48 9.71
N TYR B 41 -3.15 28.26 10.46
CA TYR B 41 -3.96 29.36 10.98
C TYR B 41 -3.73 29.54 12.47
N GLY B 42 -2.88 28.71 13.10
CA GLY B 42 -2.58 28.82 14.52
C GLY B 42 -3.85 28.83 15.38
N ASP B 43 -3.86 29.65 16.43
CA ASP B 43 -4.92 29.60 17.42
C ASP B 43 -6.16 30.39 16.99
N GLN B 44 -6.09 30.94 15.77
CA GLN B 44 -7.19 31.26 14.85
C GLN B 44 -8.33 31.99 15.54
N VAL B 45 -9.56 31.53 15.26
CA VAL B 45 -10.75 31.94 15.96
C VAL B 45 -11.22 30.76 16.82
N ARG B 46 -10.77 29.55 16.43
CA ARG B 46 -11.18 28.25 16.94
C ARG B 46 -12.62 27.93 16.56
N ALA B 47 -13.28 28.88 15.90
CA ALA B 47 -14.65 28.67 15.51
C ALA B 47 -14.68 27.82 14.24
N LEU B 48 -13.49 27.63 13.65
CA LEU B 48 -13.28 27.13 12.30
C LEU B 48 -13.75 25.68 12.09
N PRO B 49 -13.39 24.71 12.97
CA PRO B 49 -13.89 23.35 12.89
C PRO B 49 -15.38 23.32 12.59
N GLY B 50 -16.14 24.10 13.35
CA GLY B 50 -17.59 24.11 13.22
C GLY B 50 -18.06 24.70 11.89
N ARG B 51 -17.34 25.70 11.35
CA ARG B 51 -17.77 26.28 10.09
C ARG B 51 -17.41 25.34 8.95
N LEU B 52 -16.23 24.69 9.07
CA LEU B 52 -15.78 23.72 8.09
C LEU B 52 -16.76 22.54 8.02
N LEU B 53 -17.21 22.11 9.19
CA LEU B 53 -18.08 20.95 9.24
C LEU B 53 -19.43 21.26 8.61
N GLU B 54 -19.90 22.50 8.68
CA GLU B 54 -21.20 22.85 8.05
C GLU B 54 -21.04 22.69 6.54
N VAL B 55 -19.96 23.23 5.98
CA VAL B 55 -19.64 23.06 4.59
C VAL B 55 -19.59 21.56 4.22
N MET B 56 -18.90 20.75 5.02
CA MET B 56 -18.76 19.34 4.68
C MET B 56 -20.09 18.59 4.77
N LEU B 57 -20.88 18.86 5.81
CA LEU B 57 -22.20 18.24 5.95
C LEU B 57 -23.12 18.64 4.80
N HIS B 58 -23.15 19.93 4.44
CA HIS B 58 -24.01 20.37 3.35
C HIS B 58 -23.67 19.58 2.07
N ALA B 59 -22.36 19.51 1.77
CA ALA B 59 -21.89 18.91 0.53
C ALA B 59 -22.26 17.42 0.52
N TYR B 60 -22.13 16.77 1.69
CA TYR B 60 -22.37 15.35 1.78
C TYR B 60 -23.83 15.01 1.50
N HIS B 61 -24.74 15.82 2.07
CA HIS B 61 -26.18 15.69 1.85
C HIS B 61 -26.53 15.81 0.38
N ALA B 62 -25.87 16.73 -0.34
CA ALA B 62 -26.17 17.01 -1.74
C ALA B 62 -25.46 16.03 -2.68
N ARG B 63 -24.66 15.12 -2.12
CA ARG B 63 -23.91 14.21 -2.95
C ARG B 63 -24.83 13.10 -3.46
N PRO B 64 -25.09 13.05 -4.79
CA PRO B 64 -26.03 12.07 -5.35
C PRO B 64 -25.60 10.62 -5.17
N ALA B 65 -26.59 9.71 -5.17
CA ALA B 65 -26.38 8.32 -4.79
C ALA B 65 -25.40 7.61 -5.71
N GLU B 66 -25.38 7.96 -7.01
CA GLU B 66 -24.44 7.29 -7.91
C GLU B 66 -22.99 7.66 -7.57
N LEU B 67 -22.74 8.90 -7.12
CA LEU B 67 -21.41 9.32 -6.74
C LEU B 67 -20.98 8.76 -5.38
N ARG B 68 -21.93 8.52 -4.46
CA ARG B 68 -21.64 7.79 -3.25
C ARG B 68 -21.22 6.34 -3.51
N ARG B 69 -21.73 5.74 -4.58
CA ARG B 69 -21.40 4.36 -4.90
C ARG B 69 -19.96 4.31 -5.43
N LEU B 70 -19.67 5.20 -6.36
CA LEU B 70 -18.31 5.37 -6.85
C LEU B 70 -17.39 5.58 -5.66
N ASP B 71 -17.85 6.36 -4.66
CA ASP B 71 -17.14 6.54 -3.41
C ASP B 71 -16.81 5.20 -2.78
N GLU B 72 -17.80 4.33 -2.53
CA GLU B 72 -17.41 3.06 -1.90
C GLU B 72 -16.51 2.25 -2.80
N ALA B 73 -16.71 2.34 -4.12
CA ALA B 73 -15.89 1.56 -5.05
C ALA B 73 -14.41 1.93 -4.92
N ARG B 74 -14.15 3.24 -4.80
CA ARG B 74 -12.81 3.77 -4.65
C ARG B 74 -12.21 3.25 -3.37
N LEU B 75 -12.98 3.19 -2.29
CA LEU B 75 -12.41 2.68 -1.06
C LEU B 75 -11.98 1.22 -1.21
N LEU B 76 -12.72 0.44 -2.01
CA LEU B 76 -12.39 -0.96 -2.26
C LEU B 76 -11.13 -1.07 -3.12
N ARG B 77 -10.90 -0.03 -3.95
CA ARG B 77 -9.77 -0.01 -4.85
C ARG B 77 -9.01 1.33 -4.71
N PRO B 78 -8.27 1.58 -3.61
CA PRO B 78 -7.56 2.84 -3.42
C PRO B 78 -6.59 3.19 -4.55
N ASP B 79 -6.13 2.17 -5.27
CA ASP B 79 -5.07 2.39 -6.23
C ASP B 79 -5.66 2.51 -7.64
N TRP B 80 -6.94 2.89 -7.76
CA TRP B 80 -7.57 2.98 -9.06
C TRP B 80 -6.71 3.73 -10.06
N LEU B 81 -6.11 4.84 -9.68
CA LEU B 81 -5.28 5.63 -10.59
C LEU B 81 -4.02 4.88 -11.01
N GLN B 82 -3.60 3.83 -10.28
CA GLN B 82 -2.29 3.22 -10.51
C GLN B 82 -2.36 1.95 -11.37
N ARG B 83 -3.58 1.56 -11.67
CA ARG B 83 -3.81 0.32 -12.42
C ARG B 83 -3.30 0.42 -13.88
N PRO B 84 -2.70 -0.61 -14.51
CA PRO B 84 -2.23 -0.48 -15.90
C PRO B 84 -3.32 -0.12 -16.92
N GLU B 85 -4.59 -0.51 -16.67
CA GLU B 85 -5.69 -0.12 -17.54
C GLU B 85 -5.87 1.40 -17.64
N MET B 86 -5.20 2.18 -16.80
CA MET B 86 -5.48 3.60 -16.79
C MET B 86 -4.78 4.31 -17.95
N VAL B 87 -5.57 5.04 -18.75
CA VAL B 87 -5.01 5.74 -19.88
C VAL B 87 -5.69 7.11 -19.97
N GLY B 88 -4.89 8.15 -20.13
CA GLY B 88 -5.46 9.49 -20.09
C GLY B 88 -5.48 10.10 -21.48
N TYR B 89 -6.41 11.01 -21.68
CA TYR B 89 -6.52 11.75 -22.93
C TYR B 89 -6.76 13.21 -22.56
N VAL B 90 -6.02 14.10 -23.21
CA VAL B 90 -6.08 15.51 -22.86
C VAL B 90 -6.57 16.29 -24.06
N ALA B 91 -7.65 17.07 -23.91
CA ALA B 91 -8.14 17.87 -25.02
C ALA B 91 -8.83 19.14 -24.52
N TYR B 92 -8.89 20.14 -25.43
CA TYR B 92 -9.79 21.27 -25.31
C TYR B 92 -11.18 20.83 -25.78
N THR B 93 -12.20 21.08 -24.96
CA THR B 93 -13.57 20.76 -25.31
C THR B 93 -13.91 21.23 -26.72
N ASP B 94 -13.71 22.53 -26.99
CA ASP B 94 -14.13 23.14 -28.24
C ASP B 94 -13.36 22.55 -29.42
N ARG B 95 -12.09 22.21 -29.21
CA ARG B 95 -11.23 21.81 -30.31
C ARG B 95 -11.35 20.34 -30.61
N PHE B 96 -11.97 19.61 -29.68
CA PHE B 96 -12.23 18.19 -29.84
C PHE B 96 -13.62 17.98 -30.43
N ALA B 97 -14.63 18.63 -29.84
CA ALA B 97 -15.99 18.30 -30.25
C ALA B 97 -16.93 19.50 -30.12
N GLY B 98 -16.41 20.73 -30.14
CA GLY B 98 -17.25 21.92 -30.18
C GLY B 98 -17.80 22.33 -28.81
N THR B 99 -18.64 21.48 -28.22
CA THR B 99 -19.28 21.75 -26.96
C THR B 99 -19.22 20.53 -26.05
N LEU B 100 -19.72 20.68 -24.82
CA LEU B 100 -19.76 19.58 -23.88
C LEU B 100 -20.76 18.53 -24.37
N LYS B 101 -21.90 18.98 -24.92
CA LYS B 101 -22.85 18.06 -25.55
C LYS B 101 -22.14 17.29 -26.66
N GLY B 102 -21.34 18.00 -27.46
CA GLY B 102 -20.56 17.38 -28.52
C GLY B 102 -19.63 16.28 -28.01
N VAL B 103 -19.03 16.45 -26.83
CA VAL B 103 -18.12 15.44 -26.34
C VAL B 103 -18.86 14.12 -26.11
N GLU B 104 -20.14 14.18 -25.72
CA GLU B 104 -20.90 12.96 -25.47
C GLU B 104 -20.98 12.13 -26.75
N GLU B 105 -21.00 12.81 -27.89
CA GLU B 105 -21.16 12.15 -29.18
C GLU B 105 -19.90 11.36 -29.52
N ARG B 106 -18.78 11.59 -28.82
CA ARG B 106 -17.52 11.00 -29.23
C ARG B 106 -16.99 10.01 -28.19
N LEU B 107 -17.86 9.56 -27.27
CA LEU B 107 -17.39 8.67 -26.22
C LEU B 107 -16.97 7.32 -26.78
N ASP B 108 -17.63 6.88 -27.86
CA ASP B 108 -17.31 5.62 -28.50
C ASP B 108 -15.85 5.66 -28.97
N TYR B 109 -15.42 6.82 -29.49
CA TYR B 109 -14.04 6.98 -29.89
C TYR B 109 -13.12 6.75 -28.69
N LEU B 110 -13.35 7.49 -27.60
CA LEU B 110 -12.55 7.39 -26.38
C LEU B 110 -12.62 6.01 -25.75
N GLU B 111 -13.82 5.45 -25.55
CA GLU B 111 -13.87 4.16 -24.88
C GLU B 111 -13.14 3.13 -25.74
N GLY B 112 -13.26 3.30 -27.06
CA GLY B 112 -12.61 2.43 -28.03
C GLY B 112 -11.09 2.47 -27.90
N LEU B 113 -10.54 3.66 -27.63
CA LEU B 113 -9.11 3.84 -27.50
C LEU B 113 -8.60 3.20 -26.22
N GLY B 114 -9.47 3.04 -25.20
CA GLY B 114 -9.11 2.47 -23.92
C GLY B 114 -8.91 3.53 -22.84
N VAL B 115 -9.38 4.75 -23.13
CA VAL B 115 -9.25 5.93 -22.27
C VAL B 115 -10.14 5.76 -21.03
N LYS B 116 -9.58 6.05 -19.85
CA LYS B 116 -10.34 5.97 -18.63
C LYS B 116 -10.18 7.24 -17.79
N TYR B 117 -9.61 8.30 -18.39
CA TYR B 117 -9.26 9.54 -17.72
C TYR B 117 -9.23 10.65 -18.76
N LEU B 118 -10.26 11.51 -18.74
CA LEU B 118 -10.42 12.55 -19.76
C LEU B 118 -10.19 13.91 -19.11
N HIS B 119 -9.11 14.59 -19.51
CA HIS B 119 -8.79 15.88 -18.94
C HIS B 119 -9.16 16.95 -19.98
N LEU B 120 -10.23 17.70 -19.70
CA LEU B 120 -10.59 18.82 -20.57
C LEU B 120 -9.88 20.09 -20.11
N MET B 121 -9.37 20.86 -21.07
CA MET B 121 -8.65 22.09 -20.79
C MET B 121 -9.58 23.11 -20.11
N PRO B 122 -9.05 24.17 -19.45
CA PRO B 122 -9.87 24.99 -18.54
C PRO B 122 -11.25 25.41 -19.07
N LEU B 123 -12.32 25.18 -18.29
CA LEU B 123 -13.66 25.43 -18.82
C LEU B 123 -14.58 26.14 -17.82
N LEU B 124 -14.11 26.30 -16.59
CA LEU B 124 -14.88 27.10 -15.63
C LEU B 124 -14.99 28.52 -16.17
N ARG B 125 -16.08 29.22 -15.87
CA ARG B 125 -16.38 30.47 -16.57
C ARG B 125 -15.26 31.49 -16.41
N PRO B 126 -14.54 31.87 -17.48
CA PRO B 126 -13.53 32.92 -17.39
C PRO B 126 -14.14 34.32 -17.55
N ARG B 127 -13.35 35.35 -17.23
CA ARG B 127 -13.76 36.70 -17.56
C ARG B 127 -13.87 36.82 -19.07
N GLU B 128 -14.62 37.82 -19.56
CA GLU B 128 -14.67 38.08 -20.98
C GLU B 128 -13.46 38.93 -21.36
N GLY B 129 -12.98 38.77 -22.59
CA GLY B 129 -11.73 39.38 -23.01
C GLY B 129 -10.55 38.47 -22.73
N GLU B 130 -9.33 39.04 -22.71
CA GLU B 130 -8.13 38.26 -22.47
C GLU B 130 -8.34 37.49 -21.16
N ASN B 131 -7.93 36.22 -21.14
CA ASN B 131 -8.16 35.40 -19.97
C ASN B 131 -7.05 34.40 -19.69
N ASP B 132 -5.81 34.65 -20.18
CA ASP B 132 -4.68 33.80 -19.89
C ASP B 132 -5.06 32.33 -20.16
N GLY B 133 -5.75 32.10 -21.27
CA GLY B 133 -6.24 30.80 -21.69
C GLY B 133 -6.99 30.05 -20.60
N GLY B 134 -7.96 30.74 -19.96
CA GLY B 134 -8.86 30.11 -19.01
C GLY B 134 -8.40 30.13 -17.55
N TYR B 135 -7.21 30.70 -17.26
CA TYR B 135 -6.70 30.76 -15.89
C TYR B 135 -7.20 32.01 -15.15
N ALA B 136 -8.07 32.82 -15.78
CA ALA B 136 -8.67 33.97 -15.10
C ALA B 136 -10.16 33.73 -14.89
N VAL B 137 -10.50 33.17 -13.72
CA VAL B 137 -11.82 32.60 -13.52
C VAL B 137 -12.74 33.65 -12.91
N GLN B 138 -13.97 33.76 -13.48
CA GLN B 138 -14.96 34.76 -13.07
C GLN B 138 -15.96 34.15 -12.08
N ASP B 139 -16.24 32.84 -12.22
CA ASP B 139 -17.17 32.11 -11.37
C ASP B 139 -16.80 30.63 -11.44
N TYR B 140 -16.52 29.99 -10.30
CA TYR B 140 -16.10 28.58 -10.34
C TYR B 140 -17.29 27.64 -10.43
N ARG B 141 -18.50 28.19 -10.32
CA ARG B 141 -19.71 27.37 -10.34
C ARG B 141 -20.44 27.58 -11.65
N ALA B 142 -19.72 28.01 -12.69
CA ALA B 142 -20.29 28.13 -14.02
C ALA B 142 -19.26 27.71 -15.06
N VAL B 143 -19.78 27.46 -16.25
CA VAL B 143 -18.98 26.99 -17.38
C VAL B 143 -19.00 28.11 -18.41
N ARG B 144 -17.92 28.20 -19.22
CA ARG B 144 -17.83 29.11 -20.35
C ARG B 144 -19.03 28.92 -21.27
N PRO B 145 -19.80 29.98 -21.60
CA PRO B 145 -21.16 29.80 -22.14
C PRO B 145 -21.23 29.04 -23.46
N ASP B 146 -20.22 29.22 -24.32
CA ASP B 146 -20.12 28.57 -25.63
C ASP B 146 -20.03 27.03 -25.53
N LEU B 147 -19.47 26.50 -24.42
CA LEU B 147 -19.27 25.08 -24.19
C LEU B 147 -20.53 24.39 -23.64
N GLY B 148 -21.44 25.19 -23.06
CA GLY B 148 -22.63 24.66 -22.40
C GLY B 148 -22.80 25.24 -20.99
N THR B 149 -23.53 24.52 -20.14
CA THR B 149 -23.76 24.91 -18.75
C THR B 149 -23.22 23.84 -17.81
N MET B 150 -23.23 24.13 -16.50
CA MET B 150 -22.94 23.14 -15.48
C MET B 150 -23.76 21.87 -15.66
N ASP B 151 -25.01 22.02 -16.07
CA ASP B 151 -25.89 20.87 -16.27
C ASP B 151 -25.24 19.97 -17.30
N ASP B 152 -24.82 20.58 -18.39
CA ASP B 152 -24.15 19.87 -19.47
C ASP B 152 -22.93 19.12 -18.94
N LEU B 153 -22.07 19.83 -18.18
CA LEU B 153 -20.92 19.20 -17.53
C LEU B 153 -21.36 18.01 -16.68
N SER B 154 -22.38 18.21 -15.86
CA SER B 154 -22.92 17.15 -15.02
C SER B 154 -23.37 15.93 -15.83
N ALA B 155 -24.04 16.13 -16.98
CA ALA B 155 -24.50 15.06 -17.85
C ALA B 155 -23.33 14.34 -18.50
N LEU B 156 -22.35 15.12 -18.99
CA LEU B 156 -21.18 14.54 -19.63
C LEU B 156 -20.49 13.63 -18.63
N ALA B 157 -20.44 14.05 -17.36
CA ALA B 157 -19.89 13.21 -16.29
C ALA B 157 -20.71 11.93 -16.11
N ARG B 158 -22.04 11.98 -16.17
CA ARG B 158 -22.79 10.73 -16.04
C ARG B 158 -22.41 9.80 -17.18
N ALA B 159 -22.24 10.34 -18.39
CA ALA B 159 -22.03 9.49 -19.55
C ALA B 159 -20.65 8.85 -19.43
N LEU B 160 -19.66 9.65 -19.00
CA LEU B 160 -18.29 9.20 -18.90
C LEU B 160 -18.21 8.13 -17.83
N ARG B 161 -18.91 8.35 -16.70
CA ARG B 161 -18.94 7.34 -15.63
C ARG B 161 -19.38 5.99 -16.22
N GLY B 162 -20.33 6.04 -17.16
CA GLY B 162 -20.95 4.83 -17.67
C GLY B 162 -20.00 4.04 -18.56
N ARG B 163 -19.00 4.70 -19.14
CA ARG B 163 -17.98 4.00 -19.93
C ARG B 163 -16.72 3.80 -19.07
N GLY B 164 -16.82 4.04 -17.76
CA GLY B 164 -15.71 3.94 -16.82
C GLY B 164 -14.61 4.99 -17.06
N ILE B 165 -15.00 6.21 -17.43
CA ILE B 165 -14.05 7.31 -17.62
C ILE B 165 -14.23 8.38 -16.53
N SER B 166 -13.12 8.84 -15.95
CA SER B 166 -13.10 9.90 -14.95
C SER B 166 -12.89 11.26 -15.63
N LEU B 167 -13.65 12.27 -15.20
CA LEU B 167 -13.49 13.62 -15.72
C LEU B 167 -12.51 14.41 -14.88
N VAL B 168 -11.64 15.16 -15.55
CA VAL B 168 -10.53 15.85 -14.89
C VAL B 168 -10.57 17.33 -15.25
N LEU B 169 -10.60 18.24 -14.25
CA LEU B 169 -10.71 19.67 -14.46
C LEU B 169 -9.55 20.45 -13.85
N ASP B 170 -9.35 21.65 -14.40
CA ASP B 170 -8.33 22.59 -13.88
C ASP B 170 -9.00 23.52 -12.87
N LEU B 171 -8.46 23.65 -11.66
CA LEU B 171 -8.99 24.49 -10.60
C LEU B 171 -7.86 25.43 -10.18
N VAL B 172 -8.00 26.71 -10.50
CA VAL B 172 -6.99 27.69 -10.15
C VAL B 172 -7.16 28.08 -8.68
N LEU B 173 -6.19 27.72 -7.83
CA LEU B 173 -6.30 27.96 -6.41
C LEU B 173 -5.73 29.35 -6.08
N ASN B 174 -4.86 29.88 -6.95
CA ASN B 174 -4.03 30.97 -6.54
C ASN B 174 -4.71 32.32 -6.72
N HIS B 175 -5.57 32.49 -7.76
CA HIS B 175 -6.10 33.81 -8.04
C HIS B 175 -7.46 33.75 -8.74
N VAL B 176 -8.27 34.82 -8.60
CA VAL B 176 -9.47 34.95 -9.42
C VAL B 176 -9.34 36.12 -10.39
N ALA B 177 -10.24 36.15 -11.37
CA ALA B 177 -10.38 37.29 -12.26
C ALA B 177 -10.77 38.51 -11.43
N ARG B 178 -10.34 39.69 -11.89
CA ARG B 178 -10.74 40.94 -11.26
C ARG B 178 -12.26 41.10 -11.30
N GLU B 179 -12.96 40.34 -12.17
CA GLU B 179 -14.42 40.42 -12.29
C GLU B 179 -15.13 39.39 -11.41
N HIS B 180 -14.38 38.58 -10.66
CA HIS B 180 -15.01 37.60 -9.79
C HIS B 180 -15.88 38.33 -8.76
N ALA B 181 -17.02 37.74 -8.38
CA ALA B 181 -17.85 38.30 -7.32
C ALA B 181 -17.03 38.80 -6.12
N TRP B 182 -16.02 38.02 -5.68
CA TRP B 182 -15.29 38.40 -4.48
C TRP B 182 -14.51 39.68 -4.73
N ALA B 183 -13.93 39.80 -5.93
CA ALA B 183 -13.10 40.94 -6.28
C ALA B 183 -13.95 42.21 -6.36
N GLN B 184 -15.22 42.05 -6.77
CA GLN B 184 -16.16 43.14 -6.84
C GLN B 184 -16.66 43.53 -5.46
N LYS B 185 -16.99 42.54 -4.63
CA LYS B 185 -17.47 42.84 -3.29
C LYS B 185 -16.37 43.59 -2.54
N ALA B 186 -15.10 43.30 -2.87
CA ALA B 186 -13.98 43.96 -2.21
C ALA B 186 -13.78 45.39 -2.71
N ARG B 187 -14.18 45.66 -3.96
CA ARG B 187 -13.98 46.99 -4.52
C ARG B 187 -15.10 47.93 -4.07
N ALA B 188 -16.29 47.36 -3.83
CA ALA B 188 -17.40 48.07 -3.20
C ALA B 188 -17.16 48.15 -1.69
N GLY B 189 -15.97 47.74 -1.24
CA GLY B 189 -15.45 47.96 0.10
C GLY B 189 -16.08 47.12 1.23
N ASP B 190 -16.59 45.91 0.96
CA ASP B 190 -17.00 45.03 2.06
C ASP B 190 -15.74 44.46 2.73
N PRO B 191 -15.46 44.79 4.01
CA PRO B 191 -14.22 44.37 4.68
C PRO B 191 -13.87 42.88 4.59
N LYS B 192 -14.89 42.01 4.69
CA LYS B 192 -14.80 40.55 4.56
C LYS B 192 -14.08 40.14 3.25
N TYR B 193 -14.49 40.75 2.14
CA TYR B 193 -13.94 40.39 0.84
C TYR B 193 -12.61 41.09 0.59
N ARG B 194 -12.43 42.29 1.15
CA ARG B 194 -11.13 42.95 1.08
C ARG B 194 -10.09 41.96 1.62
N ALA B 195 -10.50 41.13 2.58
CA ALA B 195 -9.57 40.23 3.25
C ALA B 195 -9.31 38.96 2.44
N TYR B 196 -10.00 38.78 1.30
CA TYR B 196 -9.73 37.69 0.37
C TYR B 196 -8.51 37.96 -0.49
N PHE B 197 -8.00 39.20 -0.47
CA PHE B 197 -6.86 39.48 -1.33
C PHE B 197 -5.68 40.03 -0.53
N HIS B 198 -4.54 40.15 -1.20
CA HIS B 198 -3.43 40.92 -0.67
C HIS B 198 -3.57 42.38 -1.14
N LEU B 199 -4.03 43.24 -0.21
CA LEU B 199 -4.34 44.62 -0.50
C LEU B 199 -3.40 45.55 0.25
N PHE B 200 -2.97 46.60 -0.45
CA PHE B 200 -1.99 47.48 0.16
C PHE B 200 -2.41 48.92 -0.04
N PRO B 201 -2.27 49.76 1.03
CA PRO B 201 -2.64 51.17 0.99
C PRO B 201 -1.62 52.02 0.23
N ASP B 202 -0.33 51.83 0.51
CA ASP B 202 0.73 52.60 -0.12
C ASP B 202 1.71 51.67 -0.86
N ARG B 203 2.83 52.23 -1.32
CA ARG B 203 3.77 51.56 -2.20
C ARG B 203 4.78 50.73 -1.41
N ARG B 204 4.68 50.75 -0.07
CA ARG B 204 5.72 50.11 0.79
C ARG B 204 5.63 48.57 0.78
N GLY B 205 4.49 47.97 1.15
CA GLY B 205 4.42 46.52 1.13
C GLY B 205 4.88 45.96 -0.21
N PRO B 206 4.23 46.37 -1.33
CA PRO B 206 4.72 46.02 -2.65
C PRO B 206 6.23 46.06 -2.81
N ASP B 207 6.88 47.10 -2.26
CA ASP B 207 8.30 47.24 -2.48
C ASP B 207 9.06 46.18 -1.69
N ALA B 208 8.59 45.90 -0.46
CA ALA B 208 9.19 44.96 0.46
C ALA B 208 9.18 43.54 -0.13
N PHE B 209 8.08 43.17 -0.79
CA PHE B 209 8.02 41.87 -1.43
C PHE B 209 8.88 41.84 -2.69
N GLU B 210 8.75 42.84 -3.58
CA GLU B 210 9.42 42.81 -4.88
C GLU B 210 10.93 42.69 -4.73
N ALA B 211 11.47 42.94 -3.53
CA ALA B 211 12.88 42.75 -3.27
C ALA B 211 13.30 41.31 -3.58
N THR B 212 12.47 40.31 -3.24
CA THR B 212 12.88 38.91 -3.40
C THR B 212 12.07 38.11 -4.42
N LEU B 213 11.13 38.75 -5.14
CA LEU B 213 10.35 38.06 -6.15
C LEU B 213 11.07 38.09 -7.49
N PRO B 214 11.06 36.97 -8.24
CA PRO B 214 11.37 36.98 -9.68
C PRO B 214 10.09 37.18 -10.49
N GLU B 215 10.19 37.45 -11.79
CA GLU B 215 9.03 37.86 -12.58
C GLU B 215 8.59 36.77 -13.57
N ILE B 216 7.26 36.60 -13.71
CA ILE B 216 6.63 35.48 -14.41
C ILE B 216 6.27 35.83 -15.86
N PHE B 217 6.26 37.12 -16.25
CA PHE B 217 6.17 37.53 -17.65
C PHE B 217 7.43 38.29 -18.05
N PRO B 218 8.50 37.58 -18.48
CA PRO B 218 9.82 38.18 -18.65
C PRO B 218 9.90 39.00 -19.95
N ALA B 221 1.91 40.36 -17.33
CA ALA B 221 2.70 41.59 -17.54
C ALA B 221 3.87 41.63 -16.54
N PRO B 222 5.05 42.19 -16.90
CA PRO B 222 6.15 42.34 -15.94
C PRO B 222 5.65 43.05 -14.68
N GLY B 223 5.96 42.50 -13.50
CA GLY B 223 5.42 43.07 -12.25
C GLY B 223 4.55 42.08 -11.47
N ASN B 224 4.41 42.37 -10.17
CA ASN B 224 3.71 41.52 -9.20
C ASN B 224 2.59 42.29 -8.50
N PHE B 225 2.47 43.59 -8.79
CA PHE B 225 1.42 44.38 -8.18
C PHE B 225 0.80 45.34 -9.19
N SER B 226 -0.46 45.68 -8.94
CA SER B 226 -1.21 46.48 -9.88
C SER B 226 -2.01 47.52 -9.10
N TRP B 227 -2.24 48.67 -9.75
CA TRP B 227 -2.99 49.76 -9.14
C TRP B 227 -4.44 49.68 -9.56
N ASP B 228 -5.34 49.75 -8.57
CA ASP B 228 -6.76 49.77 -8.86
C ASP B 228 -7.39 50.91 -8.06
N GLU B 229 -8.35 51.58 -8.72
CA GLU B 229 -8.94 52.82 -8.25
C GLU B 229 -9.57 52.69 -6.86
N GLU B 230 -10.34 51.61 -6.60
CA GLU B 230 -11.29 51.58 -5.48
C GLU B 230 -10.84 50.66 -4.34
N ILE B 231 -9.55 50.69 -4.00
CA ILE B 231 -9.06 49.98 -2.82
C ILE B 231 -8.54 51.02 -1.79
N GLY B 236 -7.67 54.91 -4.08
CA GLY B 236 -6.72 54.06 -4.83
C GLY B 236 -6.00 53.03 -3.93
N GLY B 237 -5.14 52.23 -4.56
CA GLY B 237 -4.37 51.24 -3.82
C GLY B 237 -3.88 50.07 -4.68
N TRP B 238 -3.02 49.24 -4.07
CA TRP B 238 -2.30 48.20 -4.78
C TRP B 238 -2.87 46.82 -4.43
N VAL B 239 -2.99 45.96 -5.45
CA VAL B 239 -3.36 44.57 -5.26
C VAL B 239 -2.26 43.66 -5.82
N TRP B 240 -2.00 42.57 -5.07
CA TRP B 240 -1.06 41.52 -5.48
C TRP B 240 -1.55 40.83 -6.75
N THR B 241 -0.79 40.93 -7.84
CA THR B 241 -1.26 40.37 -9.13
C THR B 241 -0.16 39.54 -9.78
N THR B 242 0.13 38.35 -9.24
CA THR B 242 1.07 37.44 -9.95
C THR B 242 0.37 37.06 -11.25
N PHE B 243 1.14 36.70 -12.28
CA PHE B 243 0.54 36.44 -13.62
C PHE B 243 0.07 37.79 -14.19
N ASN B 244 -1.19 37.93 -14.60
CA ASN B 244 -1.61 39.19 -15.25
C ASN B 244 -2.26 40.14 -14.25
N SER B 245 -2.51 41.40 -14.66
CA SER B 245 -3.10 42.42 -13.76
C SER B 245 -4.57 42.06 -13.46
N TYR B 246 -5.25 41.45 -14.43
CA TYR B 246 -6.67 41.09 -14.25
C TYR B 246 -6.76 39.83 -13.40
N GLN B 247 -5.67 39.44 -12.75
CA GLN B 247 -5.66 38.20 -11.97
C GLN B 247 -5.17 38.40 -10.53
N TRP B 248 -6.13 38.50 -9.60
CA TRP B 248 -5.87 38.91 -8.22
C TRP B 248 -5.54 37.74 -7.29
N ASP B 249 -4.32 37.66 -6.75
CA ASP B 249 -3.98 36.61 -5.79
C ASP B 249 -4.89 36.64 -4.57
N LEU B 250 -5.44 35.48 -4.26
CA LEU B 250 -6.24 35.21 -3.08
C LEU B 250 -5.29 35.12 -1.88
N ASN B 251 -5.83 35.42 -0.70
CA ASN B 251 -5.02 35.45 0.51
C ASN B 251 -5.33 34.24 1.39
N TRP B 252 -4.48 33.21 1.25
CA TRP B 252 -4.79 31.94 1.86
C TRP B 252 -4.52 31.98 3.35
N ALA B 253 -3.97 33.11 3.83
CA ALA B 253 -3.76 33.31 5.26
C ALA B 253 -5.10 33.67 5.92
N ASN B 254 -6.10 33.95 5.11
CA ASN B 254 -7.45 34.13 5.62
C ASN B 254 -8.19 32.79 5.51
N PRO B 255 -8.58 32.17 6.62
CA PRO B 255 -9.39 30.94 6.58
C PRO B 255 -10.72 30.99 5.82
N ASP B 256 -11.23 32.19 5.56
CA ASP B 256 -12.47 32.26 4.81
C ASP B 256 -12.24 31.78 3.37
N VAL B 257 -11.01 31.93 2.87
CA VAL B 257 -10.63 31.52 1.52
C VAL B 257 -10.56 29.98 1.44
N PHE B 258 -9.91 29.36 2.44
CA PHE B 258 -9.90 27.93 2.61
C PHE B 258 -11.33 27.39 2.51
N LEU B 259 -12.27 27.99 3.24
CA LEU B 259 -13.64 27.46 3.26
C LEU B 259 -14.32 27.63 1.91
N GLU B 260 -13.94 28.68 1.17
CA GLU B 260 -14.58 28.91 -0.10
C GLU B 260 -14.22 27.76 -1.05
N PHE B 261 -12.98 27.24 -0.90
CA PHE B 261 -12.40 26.28 -1.83
C PHE B 261 -12.82 24.86 -1.49
N VAL B 262 -12.95 24.58 -0.20
CA VAL B 262 -13.52 23.30 0.16
C VAL B 262 -14.95 23.26 -0.38
N ASP B 263 -15.64 24.40 -0.39
CA ASP B 263 -17.02 24.41 -0.86
C ASP B 263 -17.09 24.20 -2.38
N ILE B 264 -16.19 24.86 -3.09
CA ILE B 264 -16.11 24.78 -4.54
C ILE B 264 -15.66 23.37 -4.94
N ILE B 265 -14.62 22.81 -4.29
CA ILE B 265 -14.15 21.48 -4.65
C ILE B 265 -15.29 20.48 -4.47
N LEU B 266 -16.00 20.55 -3.33
CA LEU B 266 -17.05 19.58 -3.07
C LEU B 266 -18.27 19.86 -3.96
N TYR B 267 -18.49 21.12 -4.33
CA TYR B 267 -19.56 21.43 -5.25
C TYR B 267 -19.34 20.73 -6.59
N LEU B 268 -18.13 20.93 -7.17
CA LEU B 268 -17.76 20.37 -8.45
C LEU B 268 -17.69 18.86 -8.40
N ALA B 269 -17.22 18.31 -7.27
CA ALA B 269 -17.17 16.88 -7.08
C ALA B 269 -18.57 16.28 -7.18
N ASN B 270 -19.56 17.00 -6.65
CA ASN B 270 -20.93 16.55 -6.67
C ASN B 270 -21.52 16.72 -8.07
N ARG B 271 -20.87 17.49 -8.95
CA ARG B 271 -21.30 17.60 -10.34
C ARG B 271 -20.53 16.58 -11.20
N GLY B 272 -19.65 15.77 -10.58
CA GLY B 272 -19.04 14.58 -11.19
C GLY B 272 -17.57 14.73 -11.58
N VAL B 273 -16.93 15.83 -11.20
CA VAL B 273 -15.47 15.93 -11.26
C VAL B 273 -14.82 14.91 -10.33
N GLU B 274 -13.83 14.17 -10.88
CA GLU B 274 -13.24 13.03 -10.21
C GLU B 274 -11.80 13.35 -9.82
N VAL B 275 -11.14 14.16 -10.64
CA VAL B 275 -9.75 14.55 -10.43
C VAL B 275 -9.65 16.04 -10.67
N PHE B 276 -9.00 16.74 -9.72
CA PHE B 276 -8.77 18.18 -9.81
C PHE B 276 -7.31 18.47 -10.09
N ARG B 277 -7.05 19.19 -11.17
CA ARG B 277 -5.69 19.64 -11.43
C ARG B 277 -5.58 20.99 -10.74
N LEU B 278 -4.76 21.07 -9.71
CA LEU B 278 -4.69 22.25 -8.86
C LEU B 278 -3.64 23.19 -9.45
N ASP B 279 -4.10 24.30 -10.05
CA ASP B 279 -3.26 25.19 -10.84
C ASP B 279 -2.74 26.35 -10.00
N ALA B 280 -1.48 26.68 -10.27
CA ALA B 280 -0.71 27.73 -9.60
C ALA B 280 -0.63 27.43 -8.10
N ILE B 281 -0.55 26.15 -7.77
CA ILE B 281 -0.57 25.75 -6.37
C ILE B 281 0.71 26.22 -5.67
N ALA B 282 1.80 26.35 -6.42
CA ALA B 282 3.08 26.68 -5.81
C ALA B 282 3.06 28.09 -5.21
N PHE B 283 2.06 28.91 -5.59
CA PHE B 283 2.08 30.35 -5.38
C PHE B 283 1.18 30.79 -4.23
N ILE B 284 0.45 29.84 -3.63
CA ILE B 284 -0.68 30.26 -2.82
C ILE B 284 -0.25 30.82 -1.47
N TRP B 285 1.04 30.74 -1.09
CA TRP B 285 1.40 31.27 0.22
C TRP B 285 2.51 32.31 0.09
N LYS B 286 2.25 33.52 0.63
CA LYS B 286 3.22 34.60 0.59
C LYS B 286 4.01 34.67 1.90
N ARG B 287 5.33 34.88 1.80
CA ARG B 287 6.17 35.13 2.96
C ARG B 287 7.27 36.12 2.56
N LEU B 288 7.28 37.27 3.25
CA LEU B 288 8.29 38.29 3.04
C LEU B 288 9.66 37.67 3.15
N GLY B 289 10.53 37.95 2.17
CA GLY B 289 11.89 37.45 2.24
C GLY B 289 12.13 36.27 1.30
N THR B 290 11.05 35.74 0.71
CA THR B 290 11.14 34.53 -0.10
C THR B 290 10.63 34.82 -1.50
N ASP B 291 10.82 33.83 -2.39
CA ASP B 291 10.28 33.92 -3.73
C ASP B 291 8.77 33.70 -3.73
N CYS B 292 8.19 33.36 -2.57
CA CYS B 292 6.75 33.17 -2.44
C CYS B 292 6.23 32.00 -3.26
N GLN B 293 7.07 30.97 -3.37
CA GLN B 293 6.77 29.72 -4.04
C GLN B 293 7.31 28.58 -3.19
N ASN B 294 6.55 27.48 -3.17
CA ASN B 294 6.93 26.23 -2.54
C ASN B 294 7.06 26.43 -1.04
N GLN B 295 6.20 27.28 -0.48
CA GLN B 295 6.28 27.51 0.96
C GLN B 295 5.67 26.33 1.72
N PRO B 296 6.28 25.88 2.84
CA PRO B 296 5.66 24.86 3.72
C PRO B 296 4.14 24.87 3.83
N GLU B 297 3.54 26.05 4.04
CA GLU B 297 2.11 26.20 4.23
C GLU B 297 1.30 25.62 3.04
N VAL B 298 1.88 25.71 1.85
CA VAL B 298 1.25 25.15 0.65
C VAL B 298 0.88 23.69 0.91
N HIS B 299 1.83 22.92 1.41
CA HIS B 299 1.56 21.52 1.73
C HIS B 299 0.50 21.35 2.83
N HIS B 300 0.57 22.17 3.89
CA HIS B 300 -0.40 22.02 4.95
C HIS B 300 -1.80 22.30 4.39
N LEU B 301 -1.93 23.34 3.57
CA LEU B 301 -3.22 23.60 2.96
C LEU B 301 -3.67 22.45 2.05
N THR B 302 -2.75 21.92 1.23
CA THR B 302 -3.14 20.86 0.30
C THR B 302 -3.61 19.68 1.14
N ARG B 303 -2.88 19.39 2.21
CA ARG B 303 -3.22 18.27 3.05
C ARG B 303 -4.62 18.42 3.65
N ALA B 304 -4.97 19.64 4.05
CA ALA B 304 -6.30 19.87 4.61
C ALA B 304 -7.35 19.77 3.52
N LEU B 305 -7.12 20.38 2.33
CA LEU B 305 -8.10 20.26 1.26
C LEU B 305 -8.29 18.76 0.95
N ARG B 306 -7.18 18.04 0.83
CA ARG B 306 -7.25 16.59 0.47
C ARG B 306 -8.06 15.85 1.53
N ALA B 307 -7.88 16.19 2.81
CA ALA B 307 -8.60 15.44 3.83
C ALA B 307 -10.11 15.72 3.78
N ALA B 308 -10.53 16.96 3.49
CA ALA B 308 -11.97 17.22 3.37
C ALA B 308 -12.53 16.41 2.20
N ALA B 309 -11.74 16.30 1.12
CA ALA B 309 -12.21 15.52 -0.01
C ALA B 309 -12.25 14.04 0.36
N ARG B 310 -11.29 13.57 1.18
CA ARG B 310 -11.32 12.16 1.57
C ARG B 310 -12.59 11.85 2.37
N ILE B 311 -13.11 12.81 3.13
CA ILE B 311 -14.26 12.61 4.00
C ILE B 311 -15.56 12.62 3.19
N VAL B 312 -15.75 13.64 2.37
CA VAL B 312 -17.05 13.77 1.72
C VAL B 312 -17.10 12.97 0.41
N ALA B 313 -15.98 12.85 -0.31
CA ALA B 313 -15.97 12.33 -1.67
C ALA B 313 -14.75 11.46 -1.91
N PRO B 314 -14.63 10.30 -1.21
CA PRO B 314 -13.51 9.39 -1.42
C PRO B 314 -13.13 9.14 -2.89
N ALA B 315 -14.09 9.32 -3.81
CA ALA B 315 -13.86 9.03 -5.23
C ALA B 315 -12.86 10.00 -5.85
N VAL B 316 -12.72 11.18 -5.25
CA VAL B 316 -11.97 12.28 -5.81
C VAL B 316 -10.48 12.11 -5.57
N ALA B 317 -9.65 12.64 -6.49
CA ALA B 317 -8.21 12.73 -6.28
C ALA B 317 -7.71 14.09 -6.80
N PHE B 318 -6.51 14.52 -6.38
CA PHE B 318 -5.92 15.79 -6.80
C PHE B 318 -4.65 15.53 -7.59
N LYS B 319 -4.39 16.40 -8.58
CA LYS B 319 -3.18 16.36 -9.38
C LYS B 319 -2.51 17.74 -9.30
N ALA B 320 -1.22 17.78 -8.95
CA ALA B 320 -0.54 19.04 -8.72
C ALA B 320 0.17 19.53 -9.97
N GLU B 321 -0.20 20.73 -10.42
CA GLU B 321 0.49 21.36 -11.57
C GLU B 321 1.60 22.28 -11.05
N ALA B 322 2.82 21.76 -10.94
CA ALA B 322 3.98 22.56 -10.59
C ALA B 322 5.13 21.99 -11.38
N ILE B 323 5.71 22.79 -12.27
CA ILE B 323 6.97 22.37 -12.85
C ILE B 323 8.06 23.08 -12.04
N VAL B 324 8.86 22.26 -11.36
CA VAL B 324 9.92 22.72 -10.47
C VAL B 324 11.01 21.66 -10.49
N ALA B 325 12.22 22.03 -10.07
CA ALA B 325 13.31 21.06 -10.01
C ALA B 325 12.83 19.84 -9.22
N PRO B 326 13.41 18.64 -9.44
CA PRO B 326 12.97 17.43 -8.74
C PRO B 326 12.97 17.49 -7.21
N ALA B 327 13.97 18.15 -6.62
CA ALA B 327 14.09 18.30 -5.18
C ALA B 327 12.84 18.96 -4.61
N ASP B 328 12.30 19.91 -5.38
CA ASP B 328 11.13 20.68 -4.99
C ASP B 328 9.84 19.91 -5.29
N LEU B 329 9.82 19.18 -6.42
CA LEU B 329 8.62 18.54 -6.91
C LEU B 329 8.14 17.48 -5.93
N ILE B 330 9.10 16.80 -5.29
CA ILE B 330 8.74 15.65 -4.48
C ILE B 330 7.86 16.06 -3.32
N HIS B 331 7.93 17.34 -2.91
CA HIS B 331 7.11 17.76 -1.78
C HIS B 331 5.64 17.75 -2.15
N TYR B 332 5.31 17.88 -3.46
CA TYR B 332 3.93 17.95 -3.89
C TYR B 332 3.22 16.60 -3.82
N LEU B 333 4.00 15.51 -3.62
CA LEU B 333 3.48 14.18 -3.39
C LEU B 333 3.54 13.81 -1.90
N GLY B 334 4.33 14.56 -1.11
CA GLY B 334 4.28 14.53 0.35
C GLY B 334 5.59 14.02 0.93
N THR B 335 6.30 14.83 1.74
CA THR B 335 7.43 14.31 2.50
C THR B 335 7.21 14.43 4.01
N ARG B 336 8.04 13.69 4.77
CA ARG B 336 7.92 13.67 6.27
C ARG B 336 6.50 13.27 6.68
N ALA B 337 5.75 14.18 7.31
CA ALA B 337 4.40 13.87 7.82
C ALA B 337 3.52 13.35 6.68
N HIS B 338 3.28 14.18 5.67
CA HIS B 338 2.41 13.76 4.53
C HIS B 338 3.16 12.75 3.67
N HIS B 339 2.44 11.81 3.06
CA HIS B 339 3.04 10.79 2.15
C HIS B 339 1.91 10.27 1.27
N GLY B 340 1.25 11.17 0.53
CA GLY B 340 0.06 10.78 -0.24
C GLY B 340 -1.15 11.43 0.40
N LYS B 341 -0.93 12.11 1.53
CA LYS B 341 -2.05 12.81 2.23
C LYS B 341 -2.24 14.18 1.59
N VAL B 342 -1.38 14.53 0.62
CA VAL B 342 -1.55 15.81 -0.14
C VAL B 342 -2.01 15.41 -1.55
N SER B 343 -1.62 16.17 -2.57
CA SER B 343 -2.00 15.84 -3.97
C SER B 343 -1.54 14.43 -4.34
N ASP B 344 -2.44 13.65 -4.97
CA ASP B 344 -2.12 12.23 -5.31
C ASP B 344 -1.27 12.18 -6.58
N MET B 345 -1.66 12.93 -7.62
CA MET B 345 -0.94 12.84 -8.90
C MET B 345 -0.09 14.09 -9.09
N ALA B 346 0.80 14.07 -10.08
CA ALA B 346 1.65 15.24 -10.39
C ALA B 346 2.05 15.12 -11.87
N TYR B 347 3.12 15.82 -12.28
CA TYR B 347 3.59 15.66 -13.63
C TYR B 347 5.08 15.32 -13.57
N HIS B 348 5.50 14.39 -14.43
CA HIS B 348 6.90 14.02 -14.55
C HIS B 348 7.47 14.77 -15.74
N ASN B 349 7.65 16.08 -15.53
CA ASN B 349 8.15 16.93 -16.59
C ASN B 349 9.54 16.49 -17.04
N SER B 350 10.37 16.02 -16.10
CA SER B 350 11.73 15.55 -16.43
C SER B 350 11.69 14.44 -17.49
N LEU B 351 10.81 13.45 -17.34
CA LEU B 351 10.81 12.34 -18.28
C LEU B 351 10.48 12.85 -19.69
N MET B 352 9.54 13.79 -19.80
CA MET B 352 9.18 14.30 -21.10
C MET B 352 10.41 14.98 -21.75
N VAL B 353 11.16 15.76 -20.97
CA VAL B 353 12.29 16.50 -21.48
C VAL B 353 13.38 15.53 -21.94
N GLN B 354 13.62 14.47 -21.15
CA GLN B 354 14.66 13.51 -21.47
C GLN B 354 14.30 12.67 -22.71
N LEU B 355 13.02 12.47 -22.97
CA LEU B 355 12.65 11.73 -24.18
C LEU B 355 13.12 12.48 -25.43
N TRP B 356 12.79 13.76 -25.53
CA TRP B 356 13.15 14.53 -26.72
C TRP B 356 14.66 14.75 -26.78
N SER B 357 15.26 14.94 -25.61
CA SER B 357 16.69 15.22 -25.57
C SER B 357 17.45 14.01 -26.13
N SER B 358 17.05 12.80 -25.71
CA SER B 358 17.77 11.59 -26.10
C SER B 358 17.52 11.25 -27.56
N LEU B 359 16.33 11.60 -28.04
CA LEU B 359 15.96 11.36 -29.43
C LEU B 359 16.84 12.21 -30.34
N ALA B 360 17.14 13.44 -29.90
CA ALA B 360 17.99 14.37 -30.61
C ALA B 360 19.46 13.99 -30.45
N SER B 361 19.86 13.68 -29.23
CA SER B 361 21.28 13.43 -28.97
C SER B 361 21.69 12.03 -29.40
N ARG B 362 20.74 11.12 -29.63
CA ARG B 362 21.05 9.71 -29.87
C ARG B 362 21.88 9.15 -28.71
N ASN B 363 21.70 9.72 -27.51
CA ASN B 363 22.51 9.35 -26.36
C ASN B 363 21.63 9.31 -25.09
N THR B 364 21.86 8.33 -24.22
CA THR B 364 20.95 8.23 -23.11
C THR B 364 21.64 8.35 -21.75
N ARG B 365 22.93 8.70 -21.70
CA ARG B 365 23.60 8.96 -20.41
C ARG B 365 22.85 10.05 -19.64
N LEU B 366 22.51 11.17 -20.31
CA LEU B 366 21.82 12.24 -19.61
C LEU B 366 20.53 11.71 -18.99
N PHE B 367 19.79 10.89 -19.75
CA PHE B 367 18.51 10.29 -19.26
C PHE B 367 18.79 9.48 -18.01
N GLU B 368 19.77 8.59 -18.06
CA GLU B 368 20.13 7.77 -16.91
C GLU B 368 20.35 8.66 -15.70
N GLU B 369 21.08 9.76 -15.90
CA GLU B 369 21.52 10.57 -14.79
C GLU B 369 20.30 11.27 -14.19
N ALA B 370 19.44 11.82 -15.07
CA ALA B 370 18.28 12.54 -14.58
C ALA B 370 17.36 11.64 -13.74
N LEU B 371 17.23 10.36 -14.12
CA LEU B 371 16.35 9.44 -13.41
C LEU B 371 16.98 9.00 -12.10
N ARG B 372 18.31 8.85 -12.08
CA ARG B 372 18.99 8.44 -10.86
C ARG B 372 18.91 9.52 -9.79
N ALA B 373 18.88 10.79 -10.17
CA ALA B 373 18.89 11.87 -9.19
C ALA B 373 17.47 12.18 -8.74
N PHE B 374 16.51 11.46 -9.30
CA PHE B 374 15.12 11.73 -8.96
C PHE B 374 14.81 10.98 -7.66
N PRO B 375 14.19 11.58 -6.63
CA PRO B 375 13.99 10.86 -5.38
C PRO B 375 12.75 9.99 -5.48
N PRO B 376 12.68 8.85 -4.78
CA PRO B 376 11.48 8.00 -4.77
C PRO B 376 10.19 8.69 -4.28
N LYS B 377 9.08 8.38 -4.97
CA LYS B 377 7.80 8.94 -4.63
C LYS B 377 7.10 8.05 -3.60
N PRO B 378 6.07 8.51 -2.87
CA PRO B 378 5.29 7.62 -2.00
C PRO B 378 4.61 6.63 -2.93
N THR B 379 4.55 5.37 -2.46
CA THR B 379 4.08 4.30 -3.33
C THR B 379 2.59 4.44 -3.62
N SER B 380 1.87 5.23 -2.81
CA SER B 380 0.45 5.35 -3.09
C SER B 380 0.15 6.46 -4.12
N THR B 381 1.17 7.20 -4.59
CA THR B 381 0.98 8.30 -5.52
C THR B 381 1.41 7.90 -6.93
N THR B 382 1.21 8.78 -7.92
CA THR B 382 1.28 8.37 -9.31
C THR B 382 1.75 9.53 -10.17
N TRP B 383 2.74 9.27 -11.05
CA TRP B 383 3.14 10.28 -12.01
C TRP B 383 2.08 10.34 -13.12
N GLY B 384 1.90 11.54 -13.68
CA GLY B 384 1.33 11.73 -15.00
C GLY B 384 2.45 11.99 -16.00
N LEU B 385 2.42 11.25 -17.11
CA LEU B 385 3.51 11.17 -18.06
C LEU B 385 2.95 11.60 -19.40
N TYR B 386 3.71 12.42 -20.13
CA TYR B 386 3.23 12.88 -21.41
C TYR B 386 4.40 13.02 -22.36
N VAL B 387 4.09 13.04 -23.66
CA VAL B 387 5.14 13.24 -24.64
C VAL B 387 5.03 14.69 -25.08
N ARG B 388 3.79 15.18 -25.14
CA ARG B 388 3.47 16.57 -25.41
C ARG B 388 2.18 16.95 -24.69
N CYS B 389 1.92 18.26 -24.65
CA CYS B 389 0.70 18.84 -24.10
C CYS B 389 0.51 20.21 -24.75
N HIS B 390 -0.41 21.02 -24.21
CA HIS B 390 -0.80 22.28 -24.83
C HIS B 390 0.32 23.32 -24.70
N ASP B 391 1.41 22.97 -24.00
CA ASP B 391 2.50 23.89 -23.80
C ASP B 391 3.60 23.76 -24.82
N ASP B 392 4.35 24.86 -24.96
CA ASP B 392 5.75 24.90 -25.39
C ASP B 392 6.58 23.96 -24.51
N ILE B 393 7.78 23.60 -25.01
CA ILE B 393 8.73 22.77 -24.30
C ILE B 393 9.89 23.67 -23.89
N GLY B 394 10.20 23.67 -22.59
CA GLY B 394 11.40 24.29 -22.05
C GLY B 394 12.38 23.24 -21.55
N TRP B 395 13.67 23.42 -21.85
CA TRP B 395 14.65 22.39 -21.56
C TRP B 395 15.06 22.41 -20.10
N ALA B 396 14.24 21.78 -19.25
CA ALA B 396 14.50 21.76 -17.82
C ALA B 396 15.56 20.69 -17.52
N ILE B 397 16.81 21.01 -17.89
CA ILE B 397 17.92 20.09 -17.65
C ILE B 397 18.93 20.77 -16.73
N SER B 398 19.09 20.19 -15.52
CA SER B 398 19.88 20.86 -14.51
C SER B 398 21.36 20.67 -14.80
N ASP B 399 22.18 21.57 -14.25
CA ASP B 399 23.59 21.58 -14.61
C ASP B 399 24.31 20.43 -13.90
N GLU B 400 23.81 20.01 -12.72
CA GLU B 400 24.45 18.91 -12.00
C GLU B 400 24.22 17.60 -12.77
N ASP B 401 23.01 17.39 -13.28
CA ASP B 401 22.67 16.20 -14.05
C ASP B 401 23.54 16.13 -15.31
N ALA B 402 23.59 17.26 -16.04
CA ALA B 402 24.40 17.38 -17.24
C ALA B 402 25.86 17.03 -16.94
N ALA B 403 26.39 17.59 -15.84
CA ALA B 403 27.75 17.32 -15.41
C ALA B 403 27.98 15.82 -15.23
N ARG B 404 27.12 15.13 -14.45
CA ARG B 404 27.34 13.71 -14.18
C ARG B 404 27.33 12.91 -15.49
N ALA B 405 26.83 13.52 -16.57
CA ALA B 405 26.80 12.87 -17.88
C ALA B 405 27.99 13.25 -18.78
N GLY B 406 28.86 14.15 -18.31
CA GLY B 406 30.00 14.64 -19.06
C GLY B 406 29.64 15.76 -20.04
N LEU B 407 28.59 16.52 -19.70
CA LEU B 407 28.10 17.57 -20.64
C LEU B 407 28.00 18.92 -19.93
N ASN B 408 27.91 20.01 -20.70
CA ASN B 408 27.70 21.34 -20.09
C ASN B 408 26.21 21.66 -20.24
N GLY B 409 25.53 22.03 -19.14
CA GLY B 409 24.08 22.30 -19.19
C GLY B 409 23.70 23.24 -20.33
N ALA B 410 24.25 24.45 -20.32
CA ALA B 410 23.85 25.46 -21.35
C ALA B 410 24.16 24.96 -22.76
N ALA B 411 25.30 24.30 -22.97
CA ALA B 411 25.69 23.90 -24.32
C ALA B 411 24.68 22.89 -24.87
N HIS B 412 24.29 21.94 -24.00
CA HIS B 412 23.33 20.90 -24.35
C HIS B 412 21.97 21.52 -24.62
N ARG B 413 21.56 22.47 -23.77
CA ARG B 413 20.22 23.04 -23.93
C ARG B 413 20.18 23.92 -25.17
N HIS B 414 21.30 24.56 -25.52
CA HIS B 414 21.28 25.38 -26.73
C HIS B 414 21.15 24.47 -27.94
N PHE B 415 21.86 23.33 -27.91
CA PHE B 415 21.76 22.30 -28.94
C PHE B 415 20.31 21.89 -29.18
N LEU B 416 19.53 21.66 -28.10
CA LEU B 416 18.17 21.14 -28.22
C LEU B 416 17.26 22.15 -28.91
N SER B 417 17.38 23.43 -28.54
CA SER B 417 16.60 24.46 -29.20
C SER B 417 17.04 24.58 -30.65
N ASP B 418 18.34 24.45 -30.91
CA ASP B 418 18.85 24.55 -32.27
C ASP B 418 18.29 23.39 -33.07
N PHE B 419 18.26 22.20 -32.44
CA PHE B 419 17.81 20.97 -33.08
C PHE B 419 16.30 21.02 -33.39
N TYR B 420 15.50 21.29 -32.35
CA TYR B 420 14.05 21.16 -32.48
C TYR B 420 13.44 22.36 -33.19
N SER B 421 14.23 23.43 -33.40
CA SER B 421 13.72 24.54 -34.19
C SER B 421 13.88 24.27 -35.68
N GLY B 422 14.78 23.34 -36.03
CA GLY B 422 15.02 23.01 -37.43
C GLY B 422 16.39 23.52 -37.88
N GLN B 423 16.97 24.41 -37.08
CA GLN B 423 18.26 25.01 -37.42
C GLN B 423 19.44 24.05 -37.61
N PHE B 424 19.66 23.17 -36.64
CA PHE B 424 20.77 22.23 -36.68
C PHE B 424 20.83 21.46 -37.99
N PRO B 425 22.04 21.24 -38.57
CA PRO B 425 22.18 20.51 -39.83
C PRO B 425 21.74 19.04 -39.75
N GLY B 426 20.80 18.70 -40.64
CA GLY B 426 20.28 17.36 -40.81
C GLY B 426 19.27 16.96 -39.72
N SER B 427 18.64 17.94 -39.07
CA SER B 427 17.63 17.69 -38.05
C SER B 427 16.33 17.22 -38.70
N PHE B 428 15.62 16.31 -38.03
CA PHE B 428 14.34 15.82 -38.55
C PHE B 428 13.16 16.67 -38.08
N ALA B 429 13.43 17.54 -37.10
CA ALA B 429 12.39 18.28 -36.38
C ALA B 429 11.95 19.51 -37.18
N ARG B 430 10.69 19.90 -37.02
CA ARG B 430 10.18 21.15 -37.56
C ARG B 430 9.37 21.85 -36.46
N GLY B 431 10.08 22.45 -35.49
CA GLY B 431 9.36 23.21 -34.49
C GLY B 431 9.44 24.71 -34.75
N LEU B 432 8.73 25.49 -33.93
CA LEU B 432 8.85 26.93 -33.91
C LEU B 432 9.41 27.35 -32.56
N VAL B 433 10.17 28.46 -32.57
CA VAL B 433 10.67 29.12 -31.37
C VAL B 433 9.51 29.88 -30.73
N PHE B 434 9.31 29.72 -29.42
CA PHE B 434 8.21 30.42 -28.79
C PHE B 434 8.73 31.64 -28.04
N GLN B 435 9.69 31.42 -27.13
CA GLN B 435 10.24 32.47 -26.28
C GLN B 435 11.76 32.47 -26.49
N TYR B 436 12.34 33.67 -26.54
CA TYR B 436 13.82 33.78 -26.56
C TYR B 436 14.17 34.64 -25.35
N ASN B 437 15.08 34.18 -24.49
CA ASN B 437 15.37 34.91 -23.27
C ASN B 437 16.76 35.54 -23.36
N PRO B 438 16.90 36.90 -23.51
CA PRO B 438 18.22 37.51 -23.71
C PRO B 438 19.16 37.43 -22.50
N VAL B 439 18.61 37.08 -21.31
CA VAL B 439 19.38 36.84 -20.10
C VAL B 439 20.34 35.66 -20.35
N ASN B 440 19.78 34.46 -20.63
CA ASN B 440 20.53 33.23 -20.79
C ASN B 440 20.90 32.95 -22.23
N GLY B 441 19.94 33.23 -23.14
CA GLY B 441 19.97 32.71 -24.50
C GLY B 441 19.00 31.54 -24.69
N ASP B 442 18.30 31.15 -23.62
CA ASP B 442 17.51 29.93 -23.55
C ASP B 442 16.22 30.10 -24.37
N ARG B 443 15.88 29.09 -25.17
CA ARG B 443 14.69 29.16 -26.01
C ARG B 443 13.67 28.09 -25.64
N ARG B 444 12.42 28.33 -26.03
CA ARG B 444 11.31 27.43 -25.78
C ARG B 444 10.64 27.08 -27.12
N ILE B 445 10.28 25.79 -27.27
CA ILE B 445 9.89 25.27 -28.58
C ILE B 445 8.39 24.96 -28.60
N SER B 446 7.70 25.44 -29.63
CA SER B 446 6.36 25.00 -30.01
C SER B 446 6.46 23.87 -31.05
N GLY B 447 5.39 23.08 -31.23
CA GLY B 447 5.37 22.08 -32.30
C GLY B 447 4.70 20.78 -31.85
N SER B 448 4.13 20.05 -32.80
CA SER B 448 3.37 18.84 -32.46
C SER B 448 4.32 17.65 -32.40
N ALA B 449 3.89 16.57 -31.74
CA ALA B 449 4.74 15.42 -31.58
C ALA B 449 5.24 14.97 -32.96
N ALA B 450 4.30 14.83 -33.90
CA ALA B 450 4.62 14.33 -35.24
C ALA B 450 5.60 15.25 -35.97
N SER B 451 5.44 16.58 -35.84
CA SER B 451 6.38 17.49 -36.46
C SER B 451 7.76 17.40 -35.82
N LEU B 452 7.83 17.25 -34.48
CA LEU B 452 9.12 17.23 -33.80
C LEU B 452 9.83 15.89 -34.01
N ALA B 453 9.10 14.79 -34.24
CA ALA B 453 9.68 13.46 -34.32
C ALA B 453 10.14 13.15 -35.75
N GLY B 454 9.76 14.00 -36.71
CA GLY B 454 10.41 14.01 -38.01
C GLY B 454 9.47 13.74 -39.18
N LEU B 455 8.18 13.61 -38.89
CA LEU B 455 7.22 13.20 -39.88
C LEU B 455 6.95 14.33 -40.86
N GLU B 456 7.04 15.57 -40.39
CA GLU B 456 6.83 16.70 -41.30
C GLU B 456 7.92 16.71 -42.38
N ALA B 457 9.19 16.70 -41.92
CA ALA B 457 10.38 16.69 -42.75
C ALA B 457 10.32 15.53 -43.74
N ALA B 458 9.96 14.35 -43.22
CA ALA B 458 10.01 13.15 -44.04
C ALA B 458 8.94 13.20 -45.14
N LEU B 459 7.78 13.80 -44.87
CA LEU B 459 6.71 13.85 -45.87
C LEU B 459 7.10 14.77 -47.02
N GLU B 460 7.93 15.79 -46.76
CA GLU B 460 8.40 16.70 -47.79
C GLU B 460 9.32 15.97 -48.78
N THR B 461 9.98 14.89 -48.34
CA THR B 461 10.97 14.24 -49.19
C THR B 461 10.32 13.06 -49.94
N GLY B 462 9.23 12.51 -49.39
CA GLY B 462 8.62 11.28 -49.89
C GLY B 462 9.37 10.00 -49.53
N ASP B 463 10.58 10.10 -48.95
CA ASP B 463 11.44 8.93 -48.78
C ASP B 463 10.80 7.92 -47.82
N PRO B 464 10.53 6.66 -48.26
CA PRO B 464 9.96 5.65 -47.37
C PRO B 464 10.80 5.38 -46.11
N GLY B 465 12.12 5.50 -46.22
CA GLY B 465 13.04 5.17 -45.13
C GLY B 465 13.00 6.15 -43.97
N ARG B 466 12.87 7.45 -44.30
CA ARG B 466 12.77 8.55 -43.34
C ARG B 466 11.35 8.68 -42.77
N ILE B 467 10.32 8.29 -43.55
CA ILE B 467 8.94 8.22 -43.08
C ILE B 467 8.81 7.10 -42.03
N GLU B 468 9.46 5.96 -42.28
CA GLU B 468 9.44 4.84 -41.37
C GLU B 468 10.12 5.25 -40.06
N ASP B 469 11.21 6.00 -40.17
CA ASP B 469 11.96 6.42 -39.00
C ASP B 469 11.08 7.30 -38.11
N ALA B 470 10.35 8.23 -38.74
CA ALA B 470 9.44 9.11 -38.03
C ALA B 470 8.33 8.34 -37.32
N VAL B 471 7.73 7.35 -38.00
CA VAL B 471 6.67 6.55 -37.42
C VAL B 471 7.20 5.83 -36.19
N ARG B 472 8.43 5.33 -36.28
CA ARG B 472 8.96 4.50 -35.23
C ARG B 472 9.39 5.36 -34.05
N ARG B 473 9.73 6.63 -34.31
CA ARG B 473 10.09 7.54 -33.23
C ARG B 473 8.85 7.89 -32.40
N LEU B 474 7.73 8.21 -33.07
CA LEU B 474 6.48 8.51 -32.37
C LEU B 474 6.07 7.32 -31.51
N LEU B 475 6.19 6.12 -32.08
CA LEU B 475 5.80 4.94 -31.34
C LEU B 475 6.74 4.70 -30.17
N LEU B 476 8.05 4.97 -30.36
CA LEU B 476 9.00 4.75 -29.28
C LEU B 476 8.69 5.68 -28.11
N LEU B 477 8.40 6.96 -28.39
CA LEU B 477 8.12 7.92 -27.32
C LEU B 477 6.88 7.47 -26.54
N HIS B 478 5.84 7.05 -27.26
CA HIS B 478 4.62 6.64 -26.59
C HIS B 478 4.83 5.34 -25.81
N THR B 479 5.80 4.53 -26.22
CA THR B 479 6.01 3.27 -25.54
C THR B 479 6.60 3.56 -24.17
N VAL B 480 7.53 4.51 -24.12
CA VAL B 480 8.21 4.81 -22.88
C VAL B 480 7.16 5.31 -21.89
N ILE B 481 6.32 6.25 -22.30
CA ILE B 481 5.37 6.74 -21.31
C ILE B 481 4.33 5.68 -20.95
N LEU B 482 4.10 4.69 -21.82
CA LEU B 482 3.09 3.67 -21.54
C LEU B 482 3.66 2.60 -20.61
N GLY B 483 4.98 2.55 -20.46
CA GLY B 483 5.60 1.48 -19.70
C GLY B 483 6.34 1.95 -18.45
N PHE B 484 6.46 3.26 -18.27
CA PHE B 484 7.34 3.82 -17.25
C PHE B 484 6.74 3.64 -15.86
N GLY B 485 5.42 3.52 -15.76
CA GLY B 485 4.69 3.46 -14.49
C GLY B 485 3.98 4.78 -14.24
N GLY B 486 2.64 4.79 -14.26
CA GLY B 486 1.92 6.05 -14.12
C GLY B 486 0.91 6.21 -15.24
N VAL B 487 0.22 7.35 -15.25
CA VAL B 487 -0.86 7.56 -16.17
C VAL B 487 -0.30 8.23 -17.41
N PRO B 488 -0.30 7.56 -18.57
CA PRO B 488 0.08 8.22 -19.82
C PRO B 488 -1.04 9.15 -20.26
N LEU B 489 -0.66 10.42 -20.49
CA LEU B 489 -1.62 11.43 -20.89
C LEU B 489 -1.47 11.68 -22.39
N LEU B 490 -2.21 10.93 -23.21
CA LEU B 490 -2.16 11.12 -24.65
C LEU B 490 -2.74 12.51 -24.94
N TYR B 491 -2.00 13.25 -25.75
CA TYR B 491 -2.43 14.58 -26.16
C TYR B 491 -3.26 14.47 -27.45
N MET B 492 -4.37 15.23 -27.52
CA MET B 492 -5.40 14.98 -28.53
C MET B 492 -4.80 15.01 -29.92
N GLY B 493 -4.85 13.86 -30.59
CA GLY B 493 -4.56 13.81 -32.02
C GLY B 493 -3.15 13.32 -32.30
N ASP B 494 -2.39 13.06 -31.23
CA ASP B 494 -1.11 12.41 -31.37
C ASP B 494 -1.31 11.00 -31.92
N GLU B 495 -2.49 10.39 -31.66
CA GLU B 495 -2.81 9.06 -32.16
C GLU B 495 -3.09 9.07 -33.68
N LEU B 496 -3.26 10.27 -34.24
CA LEU B 496 -3.44 10.47 -35.67
C LEU B 496 -2.20 11.13 -36.24
N ALA B 497 -1.17 11.35 -35.42
CA ALA B 497 0.06 11.96 -35.87
C ALA B 497 -0.20 13.27 -36.62
N LEU B 498 -0.98 14.18 -36.01
CA LEU B 498 -1.22 15.49 -36.57
C LEU B 498 0.08 16.31 -36.60
N LEU B 499 0.29 17.00 -37.73
CA LEU B 499 1.45 17.85 -37.96
C LEU B 499 1.12 19.27 -37.53
N ASN B 500 2.16 20.10 -37.39
CA ASN B 500 1.98 21.53 -37.13
C ASN B 500 0.88 22.08 -38.03
N ASP B 501 -0.03 22.84 -37.42
CA ASP B 501 -1.14 23.48 -38.17
C ASP B 501 -0.81 24.96 -38.29
N TYR B 502 -0.82 25.52 -39.51
CA TYR B 502 -0.42 26.94 -39.69
C TYR B 502 -1.66 27.77 -40.04
N ALA B 503 -2.85 27.19 -39.85
CA ALA B 503 -4.09 27.94 -40.11
C ALA B 503 -4.37 28.88 -38.93
N PHE B 504 -3.72 28.65 -37.79
CA PHE B 504 -3.89 29.53 -36.60
C PHE B 504 -3.38 30.94 -36.91
N GLU B 505 -2.44 31.06 -37.84
CA GLU B 505 -1.90 32.39 -38.23
C GLU B 505 -3.04 33.19 -38.89
N ASP B 506 -3.85 32.52 -39.71
CA ASP B 506 -4.96 33.20 -40.41
C ASP B 506 -6.06 33.53 -39.39
N VAL B 507 -5.95 33.00 -38.16
CA VAL B 507 -6.98 33.25 -37.15
C VAL B 507 -6.48 34.37 -36.23
N PRO B 508 -7.05 35.60 -36.27
CA PRO B 508 -6.37 36.77 -35.68
C PRO B 508 -6.13 36.70 -34.17
N GLU B 509 -6.89 35.85 -33.45
CA GLU B 509 -6.78 35.73 -31.99
C GLU B 509 -5.67 34.76 -31.61
N HIS B 510 -5.29 33.88 -32.53
CA HIS B 510 -4.24 32.90 -32.29
C HIS B 510 -2.88 33.42 -32.77
N ALA B 511 -2.87 34.11 -33.92
CA ALA B 511 -1.66 34.55 -34.62
C ALA B 511 -0.55 35.03 -33.69
N PRO B 512 -0.80 35.86 -32.64
CA PRO B 512 0.30 36.30 -31.79
C PRO B 512 1.03 35.19 -31.03
N ASP B 513 0.31 34.08 -30.74
CA ASP B 513 0.75 33.01 -29.84
C ASP B 513 0.89 31.67 -30.57
N ASN B 514 2.13 31.29 -30.91
CA ASN B 514 2.36 30.21 -31.85
C ASN B 514 2.28 28.84 -31.19
N ARG B 515 1.86 28.78 -29.91
CA ARG B 515 1.52 27.51 -29.27
C ARG B 515 0.29 26.90 -29.95
N TRP B 516 -0.56 27.74 -30.57
CA TRP B 516 -1.68 27.23 -31.35
C TRP B 516 -1.20 26.28 -32.46
N VAL B 517 0.10 26.28 -32.76
CA VAL B 517 0.62 25.44 -33.83
C VAL B 517 0.40 23.97 -33.47
N HIS B 518 0.42 23.66 -32.18
CA HIS B 518 0.29 22.27 -31.76
C HIS B 518 -1.01 22.06 -31.00
N ARG B 519 -2.03 22.84 -31.35
CA ARG B 519 -3.31 22.80 -30.67
C ARG B 519 -4.42 22.75 -31.72
N PRO B 520 -4.41 21.73 -32.60
CA PRO B 520 -5.30 21.74 -33.77
C PRO B 520 -6.76 21.45 -33.44
N GLN B 521 -7.64 21.75 -34.40
CA GLN B 521 -9.01 21.27 -34.43
C GLN B 521 -9.01 19.80 -34.77
N MET B 522 -9.82 19.00 -34.07
CA MET B 522 -9.91 17.59 -34.41
C MET B 522 -10.68 17.50 -35.72
N ASP B 523 -10.13 16.80 -36.72
CA ASP B 523 -10.87 16.54 -37.93
C ASP B 523 -11.46 15.13 -37.86
N TRP B 524 -12.78 15.04 -37.63
CA TRP B 524 -13.41 13.75 -37.49
C TRP B 524 -13.40 12.93 -38.79
N ALA B 525 -13.45 13.60 -39.94
CA ALA B 525 -13.35 12.90 -41.21
C ALA B 525 -11.95 12.29 -41.34
N LEU B 526 -10.94 13.01 -40.87
CA LEU B 526 -9.56 12.54 -40.96
C LEU B 526 -9.34 11.34 -40.05
N ALA B 527 -9.98 11.37 -38.88
CA ALA B 527 -9.92 10.26 -37.96
C ALA B 527 -10.53 9.01 -38.57
N GLU B 528 -11.65 9.15 -39.31
CA GLU B 528 -12.27 8.02 -40.00
C GLU B 528 -11.36 7.50 -41.12
N ARG B 529 -10.72 8.41 -41.85
CA ARG B 529 -9.80 8.08 -42.93
C ARG B 529 -8.63 7.25 -42.39
N VAL B 530 -8.10 7.63 -41.22
CA VAL B 530 -6.91 7.00 -40.66
C VAL B 530 -7.22 5.57 -40.21
N ARG B 531 -8.43 5.32 -39.70
CA ARG B 531 -8.83 3.98 -39.30
C ARG B 531 -8.87 3.06 -40.52
N GLN B 532 -9.19 3.61 -41.69
CA GLN B 532 -9.42 2.83 -42.89
C GLN B 532 -8.20 2.86 -43.84
N GLU B 533 -7.09 3.50 -43.43
CA GLU B 533 -5.88 3.44 -44.24
C GLU B 533 -4.72 2.95 -43.37
N PRO B 534 -4.75 1.68 -42.91
CA PRO B 534 -3.78 1.18 -41.91
C PRO B 534 -2.30 1.27 -42.28
N SER B 535 -2.01 1.48 -43.56
CA SER B 535 -0.62 1.47 -43.98
C SER B 535 -0.15 2.85 -44.47
N SER B 536 -0.98 3.88 -44.30
CA SER B 536 -0.45 5.24 -44.33
C SER B 536 0.42 5.45 -43.10
N PRO B 537 1.20 6.54 -43.04
CA PRO B 537 1.93 6.88 -41.82
C PRO B 537 1.04 7.05 -40.59
N ALA B 538 -0.05 7.83 -40.72
CA ALA B 538 -0.93 8.08 -39.60
C ALA B 538 -1.52 6.75 -39.11
N GLY B 539 -1.88 5.90 -40.07
CA GLY B 539 -2.47 4.61 -39.80
C GLY B 539 -1.50 3.67 -39.09
N ARG B 540 -0.22 3.80 -39.43
CA ARG B 540 0.81 2.98 -38.81
C ARG B 540 0.95 3.38 -37.35
N VAL B 541 0.91 4.71 -37.11
CA VAL B 541 0.98 5.25 -35.76
C VAL B 541 -0.28 4.87 -34.98
N ASN B 542 -1.43 4.99 -35.63
CA ASN B 542 -2.69 4.73 -34.98
C ASN B 542 -2.79 3.27 -34.57
N THR B 543 -2.52 2.35 -35.50
CA THR B 543 -2.66 0.96 -35.12
C THR B 543 -1.55 0.57 -34.13
N GLY B 544 -0.33 1.11 -34.31
CA GLY B 544 0.78 0.81 -33.41
C GLY B 544 0.48 1.21 -31.97
N LEU B 545 -0.10 2.42 -31.82
CA LEU B 545 -0.48 2.93 -30.51
C LEU B 545 -1.63 2.13 -29.88
N ARG B 546 -2.64 1.74 -30.68
CA ARG B 546 -3.77 0.98 -30.17
C ARG B 546 -3.31 -0.36 -29.62
N HIS B 547 -2.26 -0.89 -30.24
CA HIS B 547 -1.67 -2.16 -29.84
C HIS B 547 -0.91 -1.98 -28.53
N LEU B 548 -0.10 -0.91 -28.42
CA LEU B 548 0.62 -0.67 -27.18
C LEU B 548 -0.36 -0.46 -26.02
N LEU B 549 -1.49 0.22 -26.23
CA LEU B 549 -2.45 0.46 -25.16
C LEU B 549 -3.07 -0.86 -24.70
N ARG B 550 -3.29 -1.77 -25.64
CA ARG B 550 -3.86 -3.08 -25.35
C ARG B 550 -2.87 -3.91 -24.49
N VAL B 551 -1.57 -3.83 -24.83
CA VAL B 551 -0.58 -4.61 -24.13
C VAL B 551 -0.39 -4.05 -22.72
N ARG B 552 -0.43 -2.72 -22.60
CA ARG B 552 -0.24 -2.07 -21.31
C ARG B 552 -1.31 -2.54 -20.34
N ARG B 553 -2.56 -2.50 -20.80
CA ARG B 553 -3.70 -2.88 -20.00
C ARG B 553 -3.65 -4.35 -19.56
N ASP B 554 -2.66 -5.09 -20.04
CA ASP B 554 -2.59 -6.49 -19.63
C ASP B 554 -1.22 -6.87 -19.08
N THR B 555 -0.41 -5.88 -18.70
CA THR B 555 0.88 -6.13 -18.07
C THR B 555 0.85 -5.67 -16.61
N PRO B 556 0.68 -6.59 -15.63
CA PRO B 556 0.53 -6.19 -14.23
C PRO B 556 1.70 -5.39 -13.67
N GLN B 557 2.90 -5.65 -14.20
CA GLN B 557 4.15 -5.04 -13.77
C GLN B 557 4.14 -3.53 -14.03
N LEU B 558 3.11 -3.03 -14.74
CA LEU B 558 3.09 -1.60 -14.94
C LEU B 558 2.30 -0.89 -13.84
N HIS B 559 1.89 -1.62 -12.79
CA HIS B 559 1.23 -0.96 -11.68
C HIS B 559 2.09 0.19 -11.16
N ALA B 560 1.51 1.39 -10.98
CA ALA B 560 2.28 2.60 -10.74
C ALA B 560 2.89 2.67 -9.34
N SER B 561 2.52 1.75 -8.44
CA SER B 561 3.12 1.78 -7.11
C SER B 561 4.57 1.35 -7.16
N ILE B 562 4.99 0.80 -8.30
CA ILE B 562 6.32 0.26 -8.49
C ILE B 562 7.04 1.26 -9.39
N GLU B 563 8.23 1.68 -8.98
CA GLU B 563 9.02 2.62 -9.75
C GLU B 563 9.97 1.88 -10.70
N SER B 564 10.16 2.45 -11.90
CA SER B 564 11.17 2.00 -12.83
C SER B 564 12.56 2.37 -12.33
N GLN B 565 13.47 1.38 -12.27
CA GLN B 565 14.85 1.66 -11.91
C GLN B 565 15.72 1.63 -13.16
N VAL B 566 16.68 2.56 -13.23
CA VAL B 566 17.61 2.56 -14.35
C VAL B 566 18.64 1.46 -14.17
N LEU B 567 18.81 0.66 -15.22
CA LEU B 567 19.88 -0.31 -15.31
C LEU B 567 20.95 0.32 -16.18
N PRO B 568 22.12 0.68 -15.61
CA PRO B 568 23.13 1.42 -16.37
C PRO B 568 23.53 0.62 -17.61
N SER B 569 23.55 1.29 -18.77
CA SER B 569 23.62 0.64 -20.07
C SER B 569 25.04 0.50 -20.60
N PRO B 570 25.43 -0.65 -21.21
CA PRO B 570 26.73 -0.76 -21.85
C PRO B 570 26.85 -0.05 -23.21
N ASP B 571 25.74 0.51 -23.72
CA ASP B 571 25.72 1.27 -24.95
C ASP B 571 24.85 2.51 -24.75
N SER B 572 25.43 3.68 -25.02
CA SER B 572 24.78 4.97 -24.77
C SER B 572 23.61 5.25 -25.73
N ARG B 573 23.41 4.37 -26.70
CA ARG B 573 22.28 4.46 -27.61
C ARG B 573 21.05 3.84 -26.94
N ALA B 574 21.30 3.04 -25.89
CA ALA B 574 20.19 2.31 -25.30
C ALA B 574 19.86 2.82 -23.90
N LEU B 575 18.56 2.78 -23.56
CA LEU B 575 18.08 2.99 -22.21
C LEU B 575 17.45 1.67 -21.70
N LEU B 576 17.81 1.25 -20.49
CA LEU B 576 17.26 0.06 -19.86
C LEU B 576 16.59 0.39 -18.53
N LEU B 577 15.38 -0.12 -18.33
CA LEU B 577 14.62 0.15 -17.12
C LEU B 577 14.14 -1.17 -16.52
N ARG B 578 14.30 -1.31 -15.21
CA ARG B 578 13.91 -2.53 -14.52
C ARG B 578 12.68 -2.24 -13.65
N ARG B 579 11.73 -3.18 -13.64
CA ARG B 579 10.55 -3.05 -12.80
C ARG B 579 10.32 -4.37 -12.06
N ASP B 580 10.46 -4.37 -10.73
CA ASP B 580 10.28 -5.58 -9.94
C ASP B 580 8.81 -5.78 -9.59
N HIS B 581 8.36 -7.03 -9.61
CA HIS B 581 6.96 -7.35 -9.35
C HIS B 581 6.85 -8.81 -8.95
N PRO B 582 5.90 -9.17 -8.06
CA PRO B 582 5.66 -10.56 -7.65
C PRO B 582 5.51 -11.62 -8.73
N LEU B 583 4.88 -11.29 -9.88
CA LEU B 583 4.72 -12.25 -10.99
C LEU B 583 6.03 -12.42 -11.76
N GLY B 584 7.01 -11.57 -11.46
CA GLY B 584 8.34 -11.68 -12.03
C GLY B 584 8.72 -10.35 -12.66
N GLY B 585 10.02 -10.04 -12.58
CA GLY B 585 10.52 -8.78 -13.10
C GLY B 585 10.26 -8.57 -14.59
N MET B 586 10.34 -7.30 -14.99
CA MET B 586 10.32 -6.88 -16.38
C MET B 586 11.50 -5.93 -16.60
N VAL B 587 12.15 -6.04 -17.75
CA VAL B 587 13.13 -5.04 -18.18
C VAL B 587 12.70 -4.45 -19.50
N GLN B 588 12.70 -3.12 -19.57
CA GLN B 588 12.30 -2.40 -20.77
C GLN B 588 13.56 -1.90 -21.45
N VAL B 589 13.65 -2.10 -22.76
CA VAL B 589 14.86 -1.82 -23.51
C VAL B 589 14.46 -0.90 -24.66
N TYR B 590 15.06 0.30 -24.70
CA TYR B 590 14.73 1.28 -25.73
C TYR B 590 16.02 1.68 -26.45
N ASN B 591 15.97 1.65 -27.79
CA ASN B 591 17.03 2.14 -28.64
C ASN B 591 16.65 3.55 -29.10
N PHE B 592 17.41 4.58 -28.68
CA PHE B 592 17.10 5.95 -29.09
C PHE B 592 17.83 6.39 -30.36
N SER B 593 18.30 5.42 -31.16
CA SER B 593 19.06 5.74 -32.35
C SER B 593 18.41 5.09 -33.56
N GLU B 594 18.77 5.61 -34.75
CA GLU B 594 18.31 5.03 -36.02
C GLU B 594 19.07 3.73 -36.29
N GLU B 595 20.28 3.62 -35.74
CA GLU B 595 21.21 2.55 -36.09
C GLU B 595 20.81 1.29 -35.34
N THR B 596 21.16 0.14 -35.91
CA THR B 596 21.06 -1.14 -35.25
C THR B 596 22.03 -1.21 -34.05
N VAL B 597 21.53 -1.61 -32.87
CA VAL B 597 22.37 -1.69 -31.69
C VAL B 597 22.52 -3.16 -31.31
N MET B 598 23.78 -3.59 -31.17
CA MET B 598 24.06 -4.91 -30.63
C MET B 598 24.34 -4.76 -29.14
N LEU B 599 23.29 -4.98 -28.34
CA LEU B 599 23.38 -4.69 -26.93
C LEU B 599 23.94 -5.92 -26.23
N PRO B 600 25.08 -5.79 -25.51
CA PRO B 600 25.62 -6.88 -24.68
C PRO B 600 24.60 -7.49 -23.72
N SER B 601 24.66 -8.80 -23.53
CA SER B 601 23.59 -9.56 -22.88
C SER B 601 23.64 -9.46 -21.36
N HIS B 602 24.84 -9.35 -20.79
CA HIS B 602 25.08 -9.56 -19.36
C HIS B 602 24.13 -8.72 -18.52
N VAL B 603 23.87 -7.48 -18.95
CA VAL B 603 23.17 -6.55 -18.09
C VAL B 603 21.72 -6.99 -17.92
N LEU B 604 21.13 -7.62 -18.95
CA LEU B 604 19.79 -8.18 -18.88
C LEU B 604 19.83 -9.58 -18.28
N ARG B 605 20.83 -10.40 -18.66
CA ARG B 605 20.94 -11.75 -18.12
C ARG B 605 20.91 -11.73 -16.59
N ASP B 606 21.57 -10.72 -16.01
CA ASP B 606 21.75 -10.53 -14.58
C ASP B 606 20.43 -10.37 -13.81
N VAL B 607 19.40 -9.78 -14.44
CA VAL B 607 18.14 -9.61 -13.74
C VAL B 607 17.10 -10.60 -14.22
N LEU B 608 17.19 -11.11 -15.45
CA LEU B 608 16.04 -11.82 -16.01
C LEU B 608 16.32 -13.31 -16.23
N GLY B 609 17.58 -13.72 -16.26
CA GLY B 609 17.84 -15.11 -16.56
C GLY B 609 18.24 -15.31 -18.02
N ASP B 610 18.19 -16.57 -18.48
CA ASP B 610 18.73 -16.95 -19.78
C ASP B 610 17.67 -16.80 -20.88
N HIS B 611 16.41 -17.05 -20.54
CA HIS B 611 15.33 -17.08 -21.51
C HIS B 611 14.31 -15.98 -21.20
N VAL B 612 14.01 -15.18 -22.23
CA VAL B 612 13.04 -14.12 -22.03
C VAL B 612 12.13 -14.02 -23.22
N GLN B 613 11.02 -13.28 -22.99
CA GLN B 613 9.99 -13.09 -24.01
C GLN B 613 9.53 -11.63 -24.01
N ASP B 614 9.52 -10.99 -25.17
CA ASP B 614 9.08 -9.62 -25.37
C ASP B 614 7.56 -9.61 -25.40
N ARG B 615 6.96 -8.94 -24.41
CA ARG B 615 5.52 -8.78 -24.33
C ARG B 615 4.97 -8.00 -25.51
N LEU B 616 5.79 -7.19 -26.19
CA LEU B 616 5.23 -6.26 -27.16
C LEU B 616 4.93 -7.00 -28.47
N SER B 617 5.90 -7.77 -28.98
CA SER B 617 5.77 -8.44 -30.25
C SER B 617 5.51 -9.94 -30.07
N GLY B 618 5.81 -10.49 -28.90
CA GLY B 618 5.60 -11.91 -28.67
C GLY B 618 6.87 -12.74 -28.78
N SER B 619 7.89 -12.26 -29.51
CA SER B 619 9.07 -13.05 -29.84
C SER B 619 9.99 -13.30 -28.64
N ALA B 620 10.74 -14.42 -28.68
CA ALA B 620 11.62 -14.84 -27.58
C ALA B 620 13.05 -14.39 -27.83
N PHE B 621 13.88 -14.34 -26.80
CA PHE B 621 15.29 -13.99 -26.96
C PHE B 621 16.09 -14.89 -26.03
N ARG B 622 17.31 -15.27 -26.44
CA ARG B 622 18.21 -15.97 -25.54
C ARG B 622 19.21 -14.96 -24.99
N LEU B 623 19.38 -14.92 -23.67
CA LEU B 623 20.35 -13.99 -23.12
C LEU B 623 21.63 -14.74 -22.79
N ASP B 624 21.72 -16.00 -23.22
CA ASP B 624 22.94 -16.77 -23.05
C ASP B 624 23.75 -16.70 -24.34
N ARG B 625 23.47 -15.62 -25.07
CA ARG B 625 24.14 -15.23 -26.31
C ARG B 625 24.90 -13.93 -26.00
N PRO B 626 25.98 -13.62 -26.71
CA PRO B 626 26.70 -12.43 -26.30
C PRO B 626 25.96 -11.11 -26.48
N THR B 627 25.04 -11.02 -27.46
CA THR B 627 24.37 -9.76 -27.76
C THR B 627 22.88 -9.96 -28.08
N VAL B 628 22.14 -8.85 -28.13
CA VAL B 628 20.75 -8.90 -28.51
C VAL B 628 20.56 -7.83 -29.59
N ARG B 629 19.98 -8.23 -30.73
CA ARG B 629 19.85 -7.31 -31.85
C ARG B 629 18.69 -6.36 -31.62
N LEU B 630 18.96 -5.05 -31.56
CA LEU B 630 17.93 -4.03 -31.41
C LEU B 630 17.86 -3.13 -32.63
N GLU B 631 16.80 -3.26 -33.45
CA GLU B 631 16.64 -2.40 -34.63
C GLU B 631 16.46 -0.97 -34.15
N GLY B 632 16.45 -0.03 -35.08
CA GLY B 632 16.39 1.38 -34.73
C GLY B 632 15.03 1.74 -34.16
N TYR B 633 15.03 2.42 -33.00
CA TYR B 633 13.81 2.84 -32.34
C TYR B 633 12.98 1.65 -31.84
N ARG B 634 13.63 0.49 -31.66
CA ARG B 634 12.94 -0.70 -31.20
C ARG B 634 12.80 -0.65 -29.69
N ALA B 635 11.65 -1.13 -29.20
CA ALA B 635 11.35 -1.21 -27.79
C ALA B 635 11.00 -2.65 -27.45
N LEU B 636 11.62 -3.20 -26.41
CA LEU B 636 11.25 -4.51 -25.90
C LEU B 636 10.68 -4.35 -24.49
N TRP B 637 9.62 -5.09 -24.14
CA TRP B 637 9.26 -5.28 -22.73
C TRP B 637 9.53 -6.73 -22.34
N LEU B 638 10.72 -6.99 -21.78
CA LEU B 638 11.16 -8.37 -21.55
C LEU B 638 10.67 -8.84 -20.18
N THR B 639 10.09 -10.04 -20.15
CA THR B 639 9.95 -10.79 -18.90
C THR B 639 10.50 -12.21 -19.12
N ALA B 640 10.69 -12.99 -18.04
CA ALA B 640 11.13 -14.37 -18.11
C ALA B 640 10.15 -15.24 -18.91
N GLY B 641 10.69 -16.31 -19.53
CA GLY B 641 10.04 -17.28 -20.40
C GLY B 641 10.81 -18.61 -20.40
N GLU B 642 10.64 -19.42 -21.46
CA GLU B 642 11.17 -20.79 -21.50
C GLU B 642 12.04 -21.04 -22.74
N ALA B 643 12.35 -22.31 -23.07
CA ALA B 643 13.12 -22.63 -24.29
C ALA B 643 12.85 -24.01 -24.91
N PRO B 644 11.58 -24.43 -25.22
CA PRO B 644 11.32 -25.76 -25.80
C PRO B 644 12.03 -26.18 -27.09
N ALA B 645 12.35 -25.20 -27.96
CA ALA B 645 12.98 -25.39 -29.26
C ALA B 645 14.50 -25.62 -29.07
#